data_8GBU
#
_entry.id   8GBU
#
_cell.length_a   151.936
_cell.length_b   87.879
_cell.length_c   100.827
_cell.angle_alpha   90.00
_cell.angle_beta   104.12
_cell.angle_gamma   90.00
#
_symmetry.space_group_name_H-M   'C 1 2 1'
#
loop_
_entity.id
_entity.type
_entity.pdbx_description
1 polymer 'Capsid protein'
2 non-polymer '(1-methyl-1H-1,2,4-triazol-3-yl)methyl {(1S)-4-[(3-chloro-4-fluorophenyl)carbamoyl]-7-fluoro-2,3-dihydro-1H-inden-1-yl}carbamate'
3 non-polymer 1,2-ETHANEDIOL
4 water water
#
_entity_poly.entity_id   1
_entity_poly.type   'polypeptide(L)'
_entity_poly.pdbx_seq_one_letter_code
;MGSMDIDPYKEFGATVELLSFLPSDFFPSVRDLLDTAAALYRDALESPEHCSPHHTALRQAILCWGDLMTLATWVGTNLE
DPASRDLVVSYVNTNVGLKFRQLLWFHISCLTFGRETVLEYLVSFGVWIRTPPAARPPNAPILSTLPETTVVKLENLYFQ
GHHHHHH
;
_entity_poly.pdbx_strand_id   A,B,C,D,E,F
#
loop_
_chem_comp.id
_chem_comp.type
_chem_comp.name
_chem_comp.formula
EDO non-polymer 1,2-ETHANEDIOL 'C2 H6 O2'
YWE non-polymer '(1-methyl-1H-1,2,4-triazol-3-yl)methyl {(1S)-4-[(3-chloro-4-fluorophenyl)carbamoyl]-7-fluoro-2,3-dihydro-1H-inden-1-yl}carbamate' 'C21 H18 Cl F2 N5 O3'
#
# COMPACT_ATOMS: atom_id res chain seq x y z
N SER A 3 -2.65 -12.08 3.14
CA SER A 3 -2.22 -10.65 2.99
C SER A 3 -2.14 -9.91 4.33
N MET A 4 -1.64 -10.59 5.38
CA MET A 4 -1.50 -9.96 6.70
C MET A 4 -0.08 -9.46 6.79
N ASP A 5 0.12 -8.29 7.39
CA ASP A 5 1.47 -7.76 7.57
C ASP A 5 1.68 -7.35 9.02
N ILE A 6 2.43 -8.20 9.72
CA ILE A 6 2.76 -8.01 11.13
C ILE A 6 4.23 -7.62 11.19
N ASP A 7 4.52 -6.63 12.03
CA ASP A 7 5.88 -6.11 12.19
C ASP A 7 6.32 -6.62 13.55
N PRO A 8 7.32 -7.53 13.59
CA PRO A 8 7.72 -8.08 14.88
C PRO A 8 8.03 -7.02 15.93
N TYR A 9 8.48 -5.83 15.49
CA TYR A 9 8.88 -4.75 16.40
C TYR A 9 7.75 -3.79 16.83
N LYS A 10 6.67 -3.70 16.05
CA LYS A 10 5.58 -2.74 16.30
C LYS A 10 5.16 -2.67 17.76
N GLU A 11 4.91 -3.82 18.38
CA GLU A 11 4.41 -3.84 19.77
C GLU A 11 5.42 -3.39 20.83
N PHE A 12 6.72 -3.42 20.44
CA PHE A 12 7.83 -2.90 21.25
C PHE A 12 8.31 -1.51 20.83
N GLY A 13 7.48 -0.75 20.13
CA GLY A 13 7.80 0.63 19.78
C GLY A 13 8.89 0.84 18.76
N ALA A 14 9.07 -0.12 17.85
CA ALA A 14 10.02 0.02 16.75
C ALA A 14 9.42 -0.54 15.46
N THR A 15 10.26 -0.72 14.43
CA THR A 15 9.85 -1.23 13.12
C THR A 15 11.02 -1.91 12.45
N VAL A 16 10.72 -2.71 11.44
CA VAL A 16 11.76 -3.31 10.59
C VAL A 16 12.59 -2.23 9.88
N GLU A 17 11.96 -1.17 9.37
CA GLU A 17 12.72 -0.09 8.72
C GLU A 17 13.79 0.39 9.69
N LEU A 18 13.39 0.66 10.93
CA LEU A 18 14.26 1.23 11.97
C LEU A 18 15.49 0.35 12.29
N LEU A 19 15.28 -0.93 12.50
CA LEU A 19 16.42 -1.79 12.81
C LEU A 19 17.40 -1.89 11.65
N SER A 20 16.92 -1.73 10.42
CA SER A 20 17.81 -1.79 9.29
C SER A 20 18.58 -0.49 9.12
N PHE A 21 18.45 0.45 10.08
CA PHE A 21 19.24 1.68 10.11
C PHE A 21 20.64 1.42 10.60
N LEU A 22 20.78 0.43 11.50
CA LEU A 22 22.09 -0.10 11.88
C LEU A 22 22.61 -0.98 10.75
N PRO A 23 23.88 -0.80 10.33
CA PRO A 23 24.45 -1.59 9.24
C PRO A 23 24.66 -3.06 9.63
N SER A 24 24.76 -3.93 8.62
CA SER A 24 24.87 -5.37 8.84
C SER A 24 25.93 -5.73 9.88
N ASP A 25 27.11 -5.15 9.74
CA ASP A 25 28.27 -5.45 10.58
C ASP A 25 28.27 -4.90 12.03
N PHE A 26 27.28 -4.07 12.41
CA PHE A 26 27.10 -3.67 13.83
C PHE A 26 26.64 -4.81 14.73
N PHE A 27 25.83 -5.71 14.18
CA PHE A 27 25.14 -6.70 14.99
C PHE A 27 26.08 -7.80 15.37
N PRO A 28 25.99 -8.29 16.62
CA PRO A 28 26.79 -9.45 17.00
C PRO A 28 26.41 -10.65 16.16
N SER A 29 27.19 -11.72 16.24
CA SER A 29 26.85 -12.98 15.56
C SER A 29 25.65 -13.63 16.25
N VAL A 30 25.02 -14.61 15.61
CA VAL A 30 23.95 -15.38 16.27
C VAL A 30 24.52 -16.26 17.38
N ARG A 31 25.65 -16.93 17.11
CA ARG A 31 26.36 -17.72 18.12
C ARG A 31 26.52 -16.88 19.38
N ASP A 32 27.19 -15.74 19.24
CA ASP A 32 27.42 -14.84 20.35
C ASP A 32 26.13 -14.35 21.02
N LEU A 33 25.09 -14.15 20.22
CA LEU A 33 23.78 -13.69 20.73
C LEU A 33 23.05 -14.70 21.61
N LEU A 34 23.06 -15.96 21.21
CA LEU A 34 22.42 -17.03 22.00
C LEU A 34 23.22 -17.32 23.28
N ASP A 35 24.55 -17.41 23.14
CA ASP A 35 25.48 -17.50 24.29
C ASP A 35 25.19 -16.43 25.37
N THR A 36 24.85 -15.22 24.94
CA THR A 36 24.57 -14.09 25.82
C THR A 36 23.19 -14.12 26.47
N ALA A 37 22.20 -14.64 25.72
CA ALA A 37 20.81 -14.79 26.19
C ALA A 37 20.77 -15.80 27.30
N ALA A 38 21.51 -16.88 27.07
CA ALA A 38 21.70 -17.94 28.07
C ALA A 38 22.47 -17.46 29.27
N ALA A 39 23.59 -16.79 29.03
CA ALA A 39 24.46 -16.33 30.10
C ALA A 39 23.79 -15.31 31.00
N LEU A 40 22.88 -14.51 30.45
CA LEU A 40 22.19 -13.47 31.20
C LEU A 40 20.73 -13.81 31.52
N TYR A 41 20.12 -14.79 30.82
CA TYR A 41 18.67 -15.00 30.92
C TYR A 41 18.14 -16.43 30.92
N ARG A 42 18.98 -17.45 30.79
CA ARG A 42 18.49 -18.86 30.73
C ARG A 42 17.36 -19.17 31.72
N ASP A 43 17.56 -18.84 32.99
CA ASP A 43 16.57 -19.19 34.01
C ASP A 43 15.18 -18.59 33.79
N ALA A 44 15.14 -17.35 33.31
CA ALA A 44 13.89 -16.65 32.98
C ALA A 44 13.24 -17.15 31.67
N LEU A 45 14.08 -17.40 30.64
CA LEU A 45 13.59 -17.94 29.36
C LEU A 45 13.04 -19.33 29.54
N GLU A 46 13.80 -20.19 30.24
CA GLU A 46 13.34 -21.55 30.62
C GLU A 46 12.16 -21.57 31.63
N SER A 47 12.02 -20.51 32.44
CA SER A 47 10.91 -20.37 33.41
C SER A 47 9.49 -20.48 32.85
N PRO A 48 8.48 -20.77 33.74
CA PRO A 48 7.07 -20.81 33.38
C PRO A 48 6.33 -19.52 33.72
N GLU A 49 7.04 -18.43 34.00
CA GLU A 49 6.38 -17.12 34.09
C GLU A 49 6.57 -16.38 32.77
N HIS A 50 5.62 -15.51 32.43
CA HIS A 50 5.76 -14.71 31.23
C HIS A 50 7.00 -13.80 31.38
N CYS A 51 7.06 -13.08 32.51
CA CYS A 51 8.13 -12.11 32.87
C CYS A 51 7.97 -10.77 32.17
N SER A 52 8.15 -10.77 30.86
CA SER A 52 7.83 -9.61 30.03
C SER A 52 7.44 -10.08 28.66
N PRO A 53 6.69 -9.25 27.93
CA PRO A 53 6.50 -9.42 26.50
C PRO A 53 7.82 -9.67 25.76
N HIS A 54 8.87 -8.93 26.12
CA HIS A 54 10.19 -9.16 25.55
C HIS A 54 10.62 -10.62 25.69
N HIS A 55 10.50 -11.17 26.90
CA HIS A 55 10.91 -12.57 27.14
C HIS A 55 10.19 -13.52 26.20
N THR A 56 8.85 -13.35 26.15
CA THR A 56 7.96 -14.13 25.29
C THR A 56 8.46 -14.15 23.86
N ALA A 57 8.78 -12.98 23.34
CA ALA A 57 9.23 -12.83 21.96
C ALA A 57 10.62 -13.44 21.77
N LEU A 58 11.52 -13.14 22.71
CA LEU A 58 12.86 -13.68 22.63
C LEU A 58 12.83 -15.23 22.62
N ARG A 59 12.06 -15.79 23.56
CA ARG A 59 11.81 -17.23 23.63
C ARG A 59 11.51 -17.76 22.22
N GLN A 60 10.51 -17.15 21.56
CA GLN A 60 10.08 -17.61 20.24
C GLN A 60 11.17 -17.51 19.15
N ALA A 61 11.96 -16.43 19.18
CA ALA A 61 12.98 -16.18 18.18
C ALA A 61 14.16 -17.12 18.28
N ILE A 62 14.57 -17.46 19.51
CA ILE A 62 15.66 -18.45 19.73
C ILE A 62 15.26 -19.80 19.15
N LEU A 63 14.02 -20.21 19.44
CA LEU A 63 13.45 -21.45 18.95
C LEU A 63 13.27 -21.42 17.44
N CYS A 64 12.79 -20.29 16.92
CA CYS A 64 12.62 -20.16 15.49
C CYS A 64 13.94 -20.23 14.76
N TRP A 65 14.95 -19.50 15.24
CA TRP A 65 16.31 -19.71 14.76
C TRP A 65 16.76 -21.18 14.85
N GLY A 66 16.45 -21.82 15.98
CA GLY A 66 16.59 -23.27 16.15
C GLY A 66 16.06 -24.09 14.99
N ASP A 67 14.79 -23.88 14.61
CA ASP A 67 14.17 -24.58 13.46
C ASP A 67 14.94 -24.40 12.14
N LEU A 68 15.33 -23.15 11.90
CA LEU A 68 16.12 -22.80 10.72
C LEU A 68 17.48 -23.50 10.76
N MET A 69 18.04 -23.62 11.97
CA MET A 69 19.32 -24.32 12.14
C MET A 69 19.15 -25.83 12.01
N THR A 70 18.11 -26.42 12.60
CA THR A 70 17.88 -27.86 12.44
C THR A 70 17.50 -28.22 10.99
N LEU A 71 16.95 -27.29 10.23
CA LEU A 71 16.80 -27.47 8.77
C LEU A 71 18.15 -27.41 8.05
N ALA A 72 19.03 -26.51 8.48
CA ALA A 72 20.39 -26.39 7.93
C ALA A 72 21.26 -27.64 8.14
N THR A 73 21.14 -28.26 9.31
CA THR A 73 21.79 -29.54 9.58
C THR A 73 21.15 -30.65 8.73
N TRP A 74 19.82 -30.62 8.61
CA TRP A 74 19.07 -31.60 7.81
C TRP A 74 19.41 -31.56 6.31
N VAL A 75 19.69 -30.37 5.76
CA VAL A 75 20.27 -30.27 4.42
C VAL A 75 21.71 -30.81 4.51
N GLY A 76 22.10 -31.57 3.50
CA GLY A 76 23.33 -32.34 3.54
C GLY A 76 23.11 -33.73 4.09
N THR A 77 22.92 -33.83 5.39
CA THR A 77 22.72 -35.14 6.00
C THR A 77 21.50 -35.89 5.42
N ASN A 78 20.58 -35.17 4.74
CA ASN A 78 19.53 -35.77 3.88
C ASN A 78 19.52 -35.32 2.39
N LEU A 79 20.11 -34.16 2.04
CA LEU A 79 20.10 -33.66 0.64
C LEU A 79 21.39 -34.01 -0.11
N GLU A 80 21.25 -34.90 -1.10
CA GLU A 80 22.38 -35.61 -1.73
C GLU A 80 23.40 -34.72 -2.45
N ASP A 81 22.93 -33.85 -3.36
CA ASP A 81 23.82 -33.01 -4.19
C ASP A 81 24.81 -32.16 -3.36
N PRO A 82 25.94 -31.78 -3.96
CA PRO A 82 27.10 -31.36 -3.18
C PRO A 82 27.15 -29.85 -2.83
N ALA A 83 27.32 -28.98 -3.83
CA ALA A 83 27.39 -27.52 -3.62
C ALA A 83 26.02 -26.83 -3.80
N SER A 84 25.02 -27.58 -4.24
CA SER A 84 23.61 -27.15 -4.14
C SER A 84 23.05 -27.33 -2.72
N ARG A 85 23.77 -28.12 -1.90
CA ARG A 85 23.57 -28.21 -0.45
C ARG A 85 24.23 -27.03 0.32
N ASP A 86 25.46 -26.66 -0.07
CA ASP A 86 26.22 -25.57 0.60
C ASP A 86 25.58 -24.20 0.42
N LEU A 87 25.04 -23.97 -0.78
CA LEU A 87 24.34 -22.73 -1.17
C LEU A 87 23.12 -22.41 -0.28
N VAL A 88 22.37 -23.46 0.11
CA VAL A 88 21.22 -23.35 1.03
C VAL A 88 21.66 -23.01 2.45
N VAL A 89 22.62 -23.75 2.98
CA VAL A 89 23.15 -23.49 4.34
C VAL A 89 23.86 -22.12 4.37
N SER A 90 24.42 -21.69 3.23
CA SER A 90 24.94 -20.33 3.06
C SER A 90 23.83 -19.27 3.03
N TYR A 91 22.70 -19.55 2.37
CA TYR A 91 21.51 -18.68 2.42
C TYR A 91 21.05 -18.50 3.87
N VAL A 92 20.85 -19.63 4.56
CA VAL A 92 20.36 -19.65 5.94
C VAL A 92 21.24 -18.79 6.83
N ASN A 93 22.55 -19.03 6.81
CA ASN A 93 23.49 -18.39 7.75
C ASN A 93 23.85 -16.93 7.47
N THR A 94 23.46 -16.38 6.32
CA THR A 94 23.79 -14.99 5.99
C THR A 94 22.58 -14.08 5.73
N ASN A 95 21.52 -14.61 5.11
CA ASN A 95 20.40 -13.77 4.62
C ASN A 95 19.25 -13.69 5.65
N VAL A 96 18.90 -14.85 6.20
CA VAL A 96 17.94 -14.97 7.30
C VAL A 96 18.64 -14.60 8.61
N GLY A 97 19.88 -15.06 8.75
CA GLY A 97 20.75 -14.75 9.90
C GLY A 97 20.83 -13.28 10.19
N LEU A 98 20.96 -12.47 9.16
CA LEU A 98 20.86 -11.06 9.38
C LEU A 98 19.54 -10.68 10.09
N LYS A 99 18.38 -11.19 9.64
CA LYS A 99 17.07 -10.86 10.25
C LYS A 99 17.03 -11.18 11.73
N PHE A 100 17.47 -12.39 12.07
CA PHE A 100 17.53 -12.84 13.46
C PHE A 100 18.62 -12.19 14.30
N ARG A 101 19.76 -11.86 13.68
CA ARG A 101 20.75 -11.05 14.35
C ARG A 101 20.12 -9.74 14.79
N GLN A 102 19.35 -9.11 13.90
CA GLN A 102 18.60 -7.90 14.25
C GLN A 102 17.66 -8.19 15.41
N LEU A 103 16.85 -9.24 15.25
CA LEU A 103 15.75 -9.53 16.19
C LEU A 103 16.26 -9.90 17.60
N LEU A 104 17.25 -10.78 17.65
CA LEU A 104 17.86 -11.21 18.91
C LEU A 104 18.54 -10.06 19.62
N TRP A 105 19.33 -9.29 18.86
CA TRP A 105 20.00 -8.13 19.43
C TRP A 105 18.98 -7.26 20.12
N PHE A 106 17.96 -6.89 19.34
CA PHE A 106 16.93 -6.00 19.82
C PHE A 106 16.41 -6.42 21.18
N HIS A 107 16.13 -7.72 21.34
CA HIS A 107 15.44 -8.22 22.53
C HIS A 107 16.37 -8.41 23.74
N ILE A 108 17.57 -8.94 23.51
CA ILE A 108 18.55 -9.06 24.60
C ILE A 108 18.92 -7.65 25.07
N SER A 109 19.26 -6.78 24.10
CA SER A 109 19.61 -5.39 24.38
C SER A 109 18.50 -4.63 25.07
N CYS A 110 17.25 -4.95 24.74
CA CYS A 110 16.13 -4.29 25.41
C CYS A 110 16.01 -4.71 26.86
N LEU A 111 16.25 -5.99 27.14
CA LEU A 111 16.17 -6.48 28.50
C LEU A 111 17.34 -5.98 29.33
N THR A 112 18.53 -6.15 28.78
CA THR A 112 19.79 -5.73 29.40
C THR A 112 19.82 -4.23 29.75
N PHE A 113 19.36 -3.39 28.81
CA PHE A 113 19.56 -1.92 28.88
C PHE A 113 18.32 -1.05 28.99
N GLY A 114 17.14 -1.60 28.69
CA GLY A 114 15.85 -0.86 28.71
C GLY A 114 15.47 -0.40 27.32
N ARG A 115 14.21 -0.57 26.92
CA ARG A 115 13.88 -0.34 25.51
C ARG A 115 14.15 1.09 25.09
N GLU A 116 13.78 2.08 25.92
CA GLU A 116 13.88 3.47 25.48
C GLU A 116 15.33 3.89 25.24
N THR A 117 16.21 3.43 26.12
CA THR A 117 17.65 3.53 25.95
C THR A 117 18.17 2.83 24.69
N VAL A 118 17.63 1.64 24.38
CA VAL A 118 18.03 0.95 23.15
C VAL A 118 17.68 1.78 21.93
N LEU A 119 16.48 2.37 21.91
CA LEU A 119 16.01 3.06 20.72
C LEU A 119 16.80 4.31 20.48
N GLU A 120 17.11 5.04 21.56
CA GLU A 120 17.92 6.26 21.43
C GLU A 120 19.30 5.96 20.95
N TYR A 121 19.93 4.93 21.53
CA TYR A 121 21.26 4.50 21.08
C TYR A 121 21.25 4.13 19.58
N LEU A 122 20.13 3.56 19.12
CA LEU A 122 19.98 3.10 17.75
C LEU A 122 20.10 4.25 16.74
N VAL A 123 19.24 5.27 16.83
CA VAL A 123 19.43 6.49 16.00
C VAL A 123 20.83 7.09 16.18
N SER A 124 21.26 7.25 17.43
CA SER A 124 22.51 7.89 17.71
C SER A 124 23.68 7.18 17.05
N PHE A 125 23.70 5.86 17.06
CA PHE A 125 24.74 5.13 16.33
C PHE A 125 24.57 5.25 14.80
N GLY A 126 23.34 5.24 14.33
CA GLY A 126 23.07 5.36 12.89
C GLY A 126 23.49 6.70 12.30
N VAL A 127 23.17 7.77 13.03
CA VAL A 127 23.64 9.11 12.68
C VAL A 127 25.19 9.16 12.73
N TRP A 128 25.75 8.67 13.84
CA TRP A 128 27.20 8.69 14.07
C TRP A 128 27.96 7.96 12.97
N ILE A 129 27.64 6.69 12.75
CA ILE A 129 28.42 5.85 11.83
C ILE A 129 28.42 6.40 10.40
N ARG A 130 27.35 7.09 10.06
CA ARG A 130 27.20 7.69 8.73
C ARG A 130 27.87 9.04 8.55
N THR A 131 28.18 9.73 9.65
CA THR A 131 29.06 10.90 9.60
C THR A 131 30.40 10.36 9.08
N PRO A 132 30.99 10.93 8.02
CA PRO A 132 32.23 10.33 7.46
C PRO A 132 33.47 10.47 8.37
N PRO A 133 34.53 9.65 8.13
CA PRO A 133 35.69 9.62 9.04
C PRO A 133 36.30 11.02 9.29
N ALA A 134 36.35 11.82 8.24
CA ALA A 134 36.82 13.21 8.26
C ALA A 134 36.37 14.05 9.47
N ALA A 135 35.10 13.94 9.86
CA ALA A 135 34.58 14.69 11.03
C ALA A 135 33.99 13.85 12.12
N ARG A 136 33.89 12.53 11.92
CA ARG A 136 33.20 11.65 12.88
C ARG A 136 34.08 11.53 14.09
N PRO A 137 33.59 11.98 15.27
CA PRO A 137 34.35 11.82 16.52
C PRO A 137 35.01 10.42 16.73
N PRO A 138 35.97 10.33 17.67
CA PRO A 138 36.52 9.01 17.99
C PRO A 138 35.49 8.10 18.71
N ASN A 139 34.71 8.70 19.63
CA ASN A 139 33.71 7.98 20.42
C ASN A 139 32.38 7.84 19.71
N ALA A 140 32.05 6.61 19.30
CA ALA A 140 30.65 6.26 19.00
C ALA A 140 29.89 6.36 20.33
N PRO A 141 28.59 6.71 20.29
CA PRO A 141 27.88 6.74 21.57
C PRO A 141 27.82 5.36 22.21
N ILE A 142 27.46 5.31 23.49
CA ILE A 142 27.59 4.08 24.26
C ILE A 142 26.26 3.54 24.76
N LEU A 143 26.24 2.24 24.99
CA LEU A 143 25.06 1.57 25.50
C LEU A 143 25.42 1.13 26.92
N SER A 144 24.59 1.48 27.90
CA SER A 144 24.97 1.35 29.32
C SER A 144 23.81 1.25 30.30
N THR A 145 24.17 0.88 31.54
CA THR A 145 23.27 0.52 32.65
C THR A 145 23.23 -1.01 32.71
N SER B 3 23.87 -25.01 25.35
CA SER B 3 22.43 -24.91 24.93
C SER B 3 21.44 -24.91 26.11
N MET B 4 20.31 -24.23 25.91
CA MET B 4 19.18 -24.18 26.86
C MET B 4 18.00 -24.84 26.19
N ASP B 5 17.09 -25.38 26.99
CA ASP B 5 15.97 -26.19 26.49
C ASP B 5 14.71 -25.39 26.81
N ILE B 6 14.31 -24.52 25.88
CA ILE B 6 13.12 -23.68 26.07
C ILE B 6 11.91 -24.41 25.52
N ASP B 7 10.80 -24.37 26.28
CA ASP B 7 9.52 -24.96 25.86
C ASP B 7 8.51 -23.85 25.49
N PRO B 8 8.21 -23.71 24.17
CA PRO B 8 7.35 -22.61 23.75
C PRO B 8 5.99 -22.64 24.41
N TYR B 9 5.56 -23.81 24.88
CA TYR B 9 4.29 -23.95 25.58
C TYR B 9 4.38 -23.67 27.09
N LYS B 10 5.55 -23.84 27.69
CA LYS B 10 5.69 -23.78 29.14
C LYS B 10 5.07 -22.54 29.77
N GLU B 11 5.35 -21.36 29.23
CA GLU B 11 4.81 -20.15 29.84
C GLU B 11 3.28 -20.04 29.75
N PHE B 12 2.63 -20.92 28.97
CA PHE B 12 1.16 -20.98 28.83
C PHE B 12 0.55 -22.25 29.45
N GLY B 13 1.30 -22.96 30.27
CA GLY B 13 0.80 -24.12 30.99
C GLY B 13 0.54 -25.32 30.11
N ALA B 14 1.44 -25.60 29.18
CA ALA B 14 1.42 -26.88 28.49
C ALA B 14 2.84 -27.21 28.11
N THR B 15 3.03 -28.29 27.36
CA THR B 15 4.35 -28.75 26.92
C THR B 15 4.27 -29.29 25.52
N VAL B 16 5.44 -29.42 24.90
CA VAL B 16 5.58 -30.03 23.56
C VAL B 16 5.02 -31.45 23.64
N GLU B 17 5.32 -32.15 24.75
CA GLU B 17 4.86 -33.52 24.96
C GLU B 17 3.33 -33.55 24.85
N LEU B 18 2.66 -32.77 25.71
CA LEU B 18 1.19 -32.69 25.80
C LEU B 18 0.47 -32.38 24.48
N LEU B 19 1.07 -31.55 23.63
CA LEU B 19 0.48 -31.29 22.32
C LEU B 19 0.66 -32.45 21.37
N SER B 20 1.73 -33.21 21.55
CA SER B 20 1.90 -34.39 20.72
C SER B 20 0.88 -35.47 21.06
N PHE B 21 0.14 -35.26 22.14
CA PHE B 21 -0.94 -36.17 22.50
C PHE B 21 -2.02 -36.17 21.46
N LEU B 22 -2.28 -35.00 20.89
CA LEU B 22 -3.21 -34.87 19.76
C LEU B 22 -2.53 -35.42 18.53
N PRO B 23 -3.23 -36.26 17.76
CA PRO B 23 -2.63 -36.85 16.54
C PRO B 23 -2.40 -35.84 15.41
N SER B 24 -1.53 -36.19 14.46
CA SER B 24 -1.16 -35.33 13.32
C SER B 24 -2.34 -34.72 12.60
N ASP B 25 -3.35 -35.56 12.32
CA ASP B 25 -4.55 -35.14 11.57
C ASP B 25 -5.65 -34.47 12.41
N PHE B 26 -5.39 -34.17 13.68
CA PHE B 26 -6.33 -33.34 14.44
C PHE B 26 -6.20 -31.86 14.01
N PHE B 27 -4.99 -31.44 13.67
CA PHE B 27 -4.70 -30.02 13.45
C PHE B 27 -5.14 -29.56 12.07
N PRO B 28 -5.70 -28.34 11.95
CA PRO B 28 -5.95 -27.76 10.62
C PRO B 28 -4.66 -27.58 9.83
N SER B 29 -4.76 -27.29 8.53
CA SER B 29 -3.57 -26.99 7.70
C SER B 29 -3.01 -25.62 8.08
N VAL B 30 -1.77 -25.33 7.67
CA VAL B 30 -1.20 -24.02 7.97
C VAL B 30 -1.98 -22.91 7.24
N ARG B 31 -2.25 -23.09 5.94
CA ARG B 31 -3.08 -22.15 5.14
C ARG B 31 -4.37 -21.86 5.92
N ASP B 32 -5.09 -22.93 6.26
CA ASP B 32 -6.33 -22.81 7.05
C ASP B 32 -6.13 -22.10 8.42
N LEU B 33 -4.96 -22.29 9.05
CA LEU B 33 -4.66 -21.70 10.37
C LEU B 33 -4.38 -20.20 10.29
N LEU B 34 -3.55 -19.82 9.33
CA LEU B 34 -3.23 -18.42 9.07
C LEU B 34 -4.48 -17.64 8.66
N ASP B 35 -5.32 -18.25 7.82
CA ASP B 35 -6.55 -17.60 7.39
C ASP B 35 -7.44 -17.28 8.60
N THR B 36 -7.53 -18.22 9.54
CA THR B 36 -8.33 -18.02 10.76
C THR B 36 -7.73 -16.99 11.70
N ALA B 37 -6.41 -16.95 11.74
CA ALA B 37 -5.68 -15.97 12.53
C ALA B 37 -6.09 -14.61 12.07
N ALA B 38 -6.07 -14.44 10.73
CA ALA B 38 -6.37 -13.15 10.09
C ALA B 38 -7.81 -12.75 10.34
N ALA B 39 -8.72 -13.63 9.90
CA ALA B 39 -10.16 -13.44 10.06
C ALA B 39 -10.57 -13.08 11.49
N LEU B 40 -10.05 -13.82 12.47
CA LEU B 40 -10.44 -13.58 13.85
C LEU B 40 -9.64 -12.49 14.52
N TYR B 41 -8.39 -12.25 14.09
CA TYR B 41 -7.45 -11.43 14.88
C TYR B 41 -6.58 -10.39 14.16
N ARG B 42 -6.70 -10.25 12.84
CA ARG B 42 -5.79 -9.37 12.07
C ARG B 42 -5.49 -8.07 12.78
N ASP B 43 -6.55 -7.38 13.20
CA ASP B 43 -6.42 -6.04 13.79
C ASP B 43 -5.56 -6.03 15.07
N ALA B 44 -5.76 -6.99 15.96
CA ALA B 44 -4.96 -7.12 17.20
C ALA B 44 -3.51 -7.52 16.92
N LEU B 45 -3.34 -8.43 15.98
CA LEU B 45 -2.01 -8.92 15.58
C LEU B 45 -1.17 -7.84 14.94
N GLU B 46 -1.80 -7.01 14.09
CA GLU B 46 -1.15 -5.83 13.51
C GLU B 46 -1.09 -4.60 14.46
N SER B 47 -1.70 -4.65 15.64
CA SER B 47 -1.79 -3.48 16.53
C SER B 47 -0.43 -3.09 17.12
N PRO B 48 -0.37 -1.89 17.75
CA PRO B 48 0.84 -1.49 18.45
C PRO B 48 0.80 -1.80 19.93
N GLU B 49 -0.28 -2.40 20.43
CA GLU B 49 -0.31 -2.85 21.83
C GLU B 49 0.10 -4.32 21.85
N HIS B 50 0.44 -4.82 23.04
CA HIS B 50 0.80 -6.23 23.19
C HIS B 50 -0.45 -7.07 23.09
N CYS B 51 -1.48 -6.67 23.83
CA CYS B 51 -2.81 -7.30 23.90
C CYS B 51 -2.78 -8.46 24.90
N SER B 52 -1.94 -9.46 24.65
CA SER B 52 -1.72 -10.56 25.59
C SER B 52 -0.46 -11.35 25.20
N PRO B 53 0.16 -12.05 26.17
CA PRO B 53 1.26 -12.98 25.87
C PRO B 53 0.99 -13.96 24.70
N HIS B 54 -0.23 -14.50 24.63
CA HIS B 54 -0.63 -15.31 23.48
C HIS B 54 -0.50 -14.57 22.17
N HIS B 55 -1.01 -13.33 22.13
CA HIS B 55 -0.89 -12.46 20.94
C HIS B 55 0.58 -12.28 20.55
N THR B 56 1.41 -11.96 21.56
CA THR B 56 2.83 -11.76 21.32
C THR B 56 3.48 -12.99 20.69
N ALA B 57 3.23 -14.15 21.28
CA ALA B 57 3.82 -15.39 20.77
C ALA B 57 3.31 -15.79 19.36
N LEU B 58 2.00 -15.70 19.18
CA LEU B 58 1.37 -16.03 17.91
C LEU B 58 1.95 -15.15 16.79
N ARG B 59 2.02 -13.84 17.07
CA ARG B 59 2.68 -12.88 16.17
C ARG B 59 4.01 -13.48 15.69
N GLN B 60 4.85 -13.89 16.65
CA GLN B 60 6.19 -14.39 16.28
C GLN B 60 6.13 -15.70 15.42
N ALA B 61 5.16 -16.57 15.74
CA ALA B 61 5.04 -17.88 15.10
C ALA B 61 4.62 -17.76 13.66
N ILE B 62 3.65 -16.87 13.40
CA ILE B 62 3.19 -16.59 12.03
C ILE B 62 4.37 -16.14 11.18
N LEU B 63 5.11 -15.19 11.72
CA LEU B 63 6.26 -14.64 11.01
C LEU B 63 7.34 -15.68 10.83
N CYS B 64 7.56 -16.49 11.86
CA CYS B 64 8.52 -17.55 11.76
C CYS B 64 8.14 -18.50 10.64
N TRP B 65 6.87 -18.94 10.64
CA TRP B 65 6.39 -19.80 9.55
C TRP B 65 6.66 -19.12 8.20
N GLY B 66 6.32 -17.83 8.12
CA GLY B 66 6.68 -16.97 6.98
C GLY B 66 8.14 -17.01 6.50
N ASP B 67 9.10 -17.03 7.43
CA ASP B 67 10.53 -17.13 7.07
C ASP B 67 10.90 -18.50 6.46
N LEU B 68 10.24 -19.54 6.97
CA LEU B 68 10.38 -20.88 6.45
C LEU B 68 9.74 -21.01 5.06
N MET B 69 8.59 -20.39 4.85
CA MET B 69 7.99 -20.32 3.50
C MET B 69 8.89 -19.52 2.59
N THR B 70 9.31 -18.33 3.03
CA THR B 70 10.26 -17.49 2.27
C THR B 70 11.45 -18.31 1.77
N LEU B 71 12.04 -19.09 2.67
CA LEU B 71 13.17 -19.97 2.36
C LEU B 71 12.78 -21.09 1.41
N ALA B 72 11.60 -21.67 1.64
CA ALA B 72 11.07 -22.72 0.77
C ALA B 72 10.82 -22.22 -0.65
N THR B 73 10.15 -21.07 -0.78
CA THR B 73 9.96 -20.48 -2.12
C THR B 73 11.35 -20.19 -2.76
N TRP B 74 12.30 -19.71 -1.96
CA TRP B 74 13.68 -19.47 -2.40
C TRP B 74 14.44 -20.68 -2.93
N VAL B 75 14.38 -21.84 -2.26
CA VAL B 75 15.18 -22.99 -2.74
C VAL B 75 14.74 -23.50 -4.10
N GLY B 76 13.42 -23.45 -4.37
CA GLY B 76 12.87 -23.92 -5.63
C GLY B 76 13.39 -23.11 -6.79
N THR B 77 13.29 -21.80 -6.66
CA THR B 77 13.87 -20.87 -7.64
C THR B 77 15.41 -20.70 -7.65
N ASN B 78 16.14 -21.11 -6.60
CA ASN B 78 17.63 -20.99 -6.56
C ASN B 78 18.41 -22.34 -6.62
N LEU B 79 17.70 -23.46 -6.78
CA LEU B 79 18.31 -24.81 -6.84
C LEU B 79 17.28 -25.85 -7.40
N GLU B 80 17.72 -27.05 -7.76
CA GLU B 80 16.80 -28.12 -8.24
C GLU B 80 17.20 -29.55 -7.80
N LEU B 87 12.60 -33.02 -3.36
CA LEU B 87 12.88 -31.63 -3.04
C LEU B 87 13.12 -31.39 -1.55
N VAL B 88 13.70 -30.24 -1.24
CA VAL B 88 13.80 -29.70 0.13
C VAL B 88 12.43 -29.28 0.69
N VAL B 89 11.56 -28.77 -0.19
CA VAL B 89 10.16 -28.42 0.15
C VAL B 89 9.33 -29.61 0.73
N SER B 90 9.72 -30.85 0.41
N SER B 90 9.73 -30.84 0.43
CA SER B 90 9.16 -32.05 1.07
CA SER B 90 9.14 -32.03 1.05
C SER B 90 9.24 -31.93 2.59
C SER B 90 9.26 -31.97 2.59
N TYR B 91 10.46 -31.71 3.08
CA TYR B 91 10.75 -31.58 4.53
C TYR B 91 10.02 -30.44 5.22
N VAL B 92 9.97 -29.27 4.58
CA VAL B 92 9.40 -28.06 5.20
C VAL B 92 7.94 -28.25 5.59
N ASN B 93 7.13 -28.74 4.64
CA ASN B 93 5.69 -28.91 4.88
C ASN B 93 5.31 -30.22 5.59
N THR B 94 6.12 -31.29 5.44
CA THR B 94 5.83 -32.55 6.16
C THR B 94 6.27 -32.49 7.64
N ASN B 95 7.57 -32.26 7.85
CA ASN B 95 8.18 -32.36 9.19
C ASN B 95 7.97 -31.12 10.03
N VAL B 96 8.36 -29.98 9.48
CA VAL B 96 8.30 -28.69 10.21
C VAL B 96 6.85 -28.15 10.23
N GLY B 97 6.09 -28.47 9.19
CA GLY B 97 4.72 -28.03 9.08
C GLY B 97 3.94 -28.33 10.33
N LEU B 98 3.98 -29.59 10.74
CA LEU B 98 3.26 -30.06 11.91
C LEU B 98 3.53 -29.22 13.16
N LYS B 99 4.80 -28.93 13.42
CA LYS B 99 5.22 -28.16 14.62
C LYS B 99 4.53 -26.80 14.65
N PHE B 100 4.50 -26.12 13.52
CA PHE B 100 3.81 -24.83 13.44
C PHE B 100 2.28 -24.97 13.43
N ARG B 101 1.79 -26.05 12.84
CA ARG B 101 0.38 -26.39 12.94
C ARG B 101 -0.05 -26.54 14.40
N GLN B 102 0.78 -27.21 15.21
CA GLN B 102 0.51 -27.33 16.65
C GLN B 102 0.51 -25.96 17.34
N LEU B 103 1.58 -25.22 17.12
CA LEU B 103 1.82 -23.94 17.79
C LEU B 103 0.78 -22.88 17.40
N LEU B 104 0.48 -22.81 16.11
CA LEU B 104 -0.54 -21.89 15.63
C LEU B 104 -1.91 -22.25 16.18
N TRP B 105 -2.24 -23.54 16.11
CA TRP B 105 -3.51 -24.00 16.65
C TRP B 105 -3.62 -23.68 18.13
N PHE B 106 -2.56 -23.93 18.88
CA PHE B 106 -2.62 -23.72 20.34
C PHE B 106 -2.99 -22.27 20.73
N HIS B 107 -2.33 -21.32 20.09
CA HIS B 107 -2.51 -19.91 20.43
C HIS B 107 -3.83 -19.35 19.89
N ILE B 108 -4.17 -19.66 18.65
CA ILE B 108 -5.47 -19.28 18.09
C ILE B 108 -6.61 -19.81 18.94
N SER B 109 -6.55 -21.10 19.29
N SER B 109 -6.56 -21.10 19.25
CA SER B 109 -7.60 -21.75 20.09
CA SER B 109 -7.61 -21.75 20.06
C SER B 109 -7.66 -21.23 21.50
C SER B 109 -7.67 -21.21 21.49
N CYS B 110 -6.51 -20.84 22.05
CA CYS B 110 -6.50 -20.27 23.42
C CYS B 110 -7.19 -18.91 23.44
N LEU B 111 -6.92 -18.08 22.43
CA LEU B 111 -7.58 -16.77 22.30
C LEU B 111 -9.05 -16.91 21.98
N THR B 112 -9.41 -17.89 21.16
CA THR B 112 -10.81 -18.09 20.74
C THR B 112 -11.73 -18.63 21.86
N PHE B 113 -11.27 -19.68 22.55
CA PHE B 113 -12.06 -20.42 23.54
C PHE B 113 -11.51 -20.38 24.96
N GLY B 114 -10.27 -19.91 25.16
CA GLY B 114 -9.67 -19.77 26.49
C GLY B 114 -8.74 -20.91 26.84
N ARG B 115 -7.53 -20.59 27.29
CA ARG B 115 -6.49 -21.59 27.61
C ARG B 115 -7.03 -22.80 28.39
N GLU B 116 -7.67 -22.58 29.52
CA GLU B 116 -8.07 -23.68 30.39
C GLU B 116 -9.04 -24.63 29.66
N THR B 117 -9.98 -24.06 28.91
CA THR B 117 -10.87 -24.84 28.03
C THR B 117 -10.10 -25.66 26.98
N VAL B 118 -9.10 -25.04 26.35
CA VAL B 118 -8.31 -25.76 25.32
C VAL B 118 -7.65 -26.97 25.96
N LEU B 119 -7.02 -26.74 27.10
CA LEU B 119 -6.29 -27.79 27.77
C LEU B 119 -7.23 -28.91 28.21
N GLU B 120 -8.45 -28.61 28.69
CA GLU B 120 -9.42 -29.67 29.01
C GLU B 120 -9.78 -30.47 27.74
N TYR B 121 -10.11 -29.76 26.66
CA TYR B 121 -10.46 -30.39 25.38
C TYR B 121 -9.33 -31.31 24.85
N LEU B 122 -8.09 -30.87 25.03
CA LEU B 122 -6.92 -31.54 24.45
C LEU B 122 -6.70 -32.92 25.05
N VAL B 123 -6.91 -33.04 26.36
CA VAL B 123 -6.80 -34.32 27.03
C VAL B 123 -8.01 -35.23 26.73
N SER B 124 -9.20 -34.65 26.79
N SER B 124 -9.21 -34.64 26.82
CA SER B 124 -10.44 -35.38 26.53
CA SER B 124 -10.47 -35.33 26.53
C SER B 124 -10.47 -35.96 25.12
C SER B 124 -10.48 -35.94 25.13
N PHE B 125 -9.97 -35.19 24.17
CA PHE B 125 -9.83 -35.65 22.80
C PHE B 125 -8.78 -36.77 22.68
N GLY B 126 -7.59 -36.57 23.21
CA GLY B 126 -6.53 -37.59 23.10
C GLY B 126 -6.93 -38.95 23.68
N VAL B 127 -7.66 -38.90 24.79
CA VAL B 127 -8.24 -40.10 25.38
C VAL B 127 -9.31 -40.68 24.44
N TRP B 128 -10.24 -39.85 23.98
CA TRP B 128 -11.38 -40.32 23.20
C TRP B 128 -10.91 -41.02 21.93
N ILE B 129 -10.07 -40.36 21.16
CA ILE B 129 -9.55 -40.89 19.90
C ILE B 129 -8.81 -42.22 20.05
N ARG B 130 -8.15 -42.40 21.19
CA ARG B 130 -7.44 -43.64 21.50
C ARG B 130 -8.34 -44.82 21.90
N THR B 131 -9.56 -44.55 22.38
CA THR B 131 -10.54 -45.60 22.68
C THR B 131 -10.85 -46.26 21.35
N PRO B 132 -10.68 -47.59 21.21
CA PRO B 132 -10.80 -48.15 19.85
C PRO B 132 -12.23 -48.10 19.25
N PRO B 133 -12.34 -48.28 17.91
CA PRO B 133 -13.60 -48.22 17.19
C PRO B 133 -14.73 -48.92 17.93
N ALA B 134 -14.51 -50.18 18.27
CA ALA B 134 -15.50 -51.04 18.94
C ALA B 134 -16.30 -50.41 20.09
N ALA B 135 -15.68 -49.48 20.83
CA ALA B 135 -16.33 -48.87 21.99
C ALA B 135 -16.37 -47.36 22.02
N ARG B 136 -15.70 -46.69 21.09
CA ARG B 136 -15.61 -45.22 21.10
C ARG B 136 -16.95 -44.62 20.69
N PRO B 137 -17.55 -43.78 21.55
CA PRO B 137 -18.77 -43.08 21.14
C PRO B 137 -18.59 -42.41 19.78
N PRO B 138 -19.68 -42.28 18.98
CA PRO B 138 -19.49 -41.65 17.66
C PRO B 138 -19.23 -40.11 17.77
N ASN B 139 -19.72 -39.50 18.87
CA ASN B 139 -19.57 -38.07 19.17
C ASN B 139 -18.31 -37.71 20.00
N ALA B 140 -17.28 -37.19 19.33
CA ALA B 140 -16.09 -36.63 20.00
C ALA B 140 -16.47 -35.50 20.95
N PRO B 141 -15.58 -35.16 21.90
CA PRO B 141 -15.88 -34.00 22.74
C PRO B 141 -15.75 -32.70 21.94
N ILE B 142 -16.37 -31.65 22.46
CA ILE B 142 -16.63 -30.41 21.71
C ILE B 142 -15.70 -29.31 22.18
N LEU B 143 -15.28 -28.44 21.26
CA LEU B 143 -14.51 -27.25 21.61
C LEU B 143 -15.39 -26.04 21.30
N SER B 144 -15.62 -25.19 22.31
CA SER B 144 -16.54 -24.06 22.16
C SER B 144 -16.42 -22.99 23.23
N THR B 145 -16.76 -21.77 22.84
CA THR B 145 -16.75 -20.57 23.70
C THR B 145 -17.48 -20.74 25.06
N SER C 3 -5.85 4.24 -9.45
CA SER C 3 -5.69 5.10 -8.25
C SER C 3 -6.63 4.64 -7.13
N MET C 4 -7.94 4.69 -7.40
CA MET C 4 -9.02 4.46 -6.40
C MET C 4 -9.30 2.99 -6.14
N ASP C 5 -9.69 2.65 -4.90
CA ASP C 5 -9.94 1.23 -4.51
C ASP C 5 -11.13 1.05 -3.55
N ILE C 6 -12.29 0.69 -4.12
CA ILE C 6 -13.53 0.55 -3.36
C ILE C 6 -13.81 -0.90 -2.94
N ASP C 7 -14.22 -1.11 -1.67
CA ASP C 7 -14.66 -2.43 -1.22
C ASP C 7 -16.20 -2.51 -1.18
N PRO C 8 -16.80 -3.41 -1.99
CA PRO C 8 -18.27 -3.48 -2.05
C PRO C 8 -18.83 -3.66 -0.68
N TYR C 9 -18.15 -4.50 0.12
CA TYR C 9 -18.65 -4.92 1.44
C TYR C 9 -18.41 -3.90 2.58
N LYS C 10 -17.50 -2.94 2.36
CA LYS C 10 -17.10 -1.93 3.36
C LYS C 10 -18.24 -1.12 3.96
N GLU C 11 -19.18 -0.68 3.13
CA GLU C 11 -20.29 0.10 3.65
C GLU C 11 -21.31 -0.69 4.49
N PHE C 12 -21.25 -2.03 4.38
CA PHE C 12 -22.09 -2.96 5.15
C PHE C 12 -21.27 -3.70 6.21
N GLY C 13 -20.18 -3.10 6.69
CA GLY C 13 -19.41 -3.67 7.82
C GLY C 13 -18.83 -5.03 7.55
N ALA C 14 -18.20 -5.16 6.40
CA ALA C 14 -17.55 -6.39 6.02
C ALA C 14 -16.45 -6.04 5.03
N THR C 15 -15.81 -7.06 4.46
CA THR C 15 -14.73 -6.86 3.53
C THR C 15 -14.63 -8.08 2.63
N VAL C 16 -13.97 -7.92 1.49
CA VAL C 16 -13.74 -9.01 0.54
C VAL C 16 -13.00 -10.15 1.24
N GLU C 17 -12.02 -9.79 2.07
CA GLU C 17 -11.16 -10.77 2.75
C GLU C 17 -12.01 -11.73 3.60
N LEU C 18 -12.75 -11.14 4.54
CA LEU C 18 -13.70 -11.83 5.41
C LEU C 18 -14.60 -12.77 4.60
N LEU C 19 -15.09 -12.33 3.45
CA LEU C 19 -15.95 -13.21 2.66
C LEU C 19 -15.18 -14.40 2.12
N SER C 20 -13.94 -14.19 1.71
CA SER C 20 -13.13 -15.28 1.18
C SER C 20 -12.77 -16.33 2.26
N PHE C 21 -13.17 -16.07 3.50
CA PHE C 21 -13.09 -17.04 4.58
C PHE C 21 -14.06 -18.18 4.43
N LEU C 22 -15.13 -17.98 3.67
CA LEU C 22 -16.00 -19.08 3.26
C LEU C 22 -15.42 -19.75 2.02
N PRO C 23 -15.47 -21.09 1.96
CA PRO C 23 -14.90 -21.76 0.79
C PRO C 23 -15.78 -21.68 -0.46
N SER C 24 -15.18 -21.94 -1.62
CA SER C 24 -15.85 -21.82 -2.91
C SER C 24 -17.12 -22.64 -2.99
N ASP C 25 -17.09 -23.86 -2.45
CA ASP C 25 -18.25 -24.77 -2.46
C ASP C 25 -19.34 -24.51 -1.38
N PHE C 26 -19.17 -23.48 -0.55
CA PHE C 26 -20.24 -23.06 0.37
C PHE C 26 -21.37 -22.29 -0.32
N PHE C 27 -20.99 -21.41 -1.26
CA PHE C 27 -21.95 -20.51 -1.89
C PHE C 27 -22.85 -21.28 -2.84
N PRO C 28 -24.17 -21.01 -2.81
CA PRO C 28 -25.07 -21.58 -3.83
C PRO C 28 -24.67 -21.16 -5.24
N SER C 29 -25.23 -21.81 -6.26
CA SER C 29 -25.01 -21.40 -7.66
C SER C 29 -25.65 -20.01 -7.92
N VAL C 30 -25.24 -19.36 -9.00
CA VAL C 30 -25.84 -18.07 -9.34
C VAL C 30 -27.30 -18.31 -9.77
N ARG C 31 -27.52 -19.31 -10.63
CA ARG C 31 -28.89 -19.70 -11.05
C ARG C 31 -29.81 -19.68 -9.83
N ASP C 32 -29.35 -20.34 -8.75
CA ASP C 32 -30.13 -20.51 -7.53
C ASP C 32 -30.27 -19.25 -6.67
N LEU C 33 -29.24 -18.39 -6.69
CA LEU C 33 -29.23 -17.14 -5.91
C LEU C 33 -30.20 -16.12 -6.47
N LEU C 34 -30.31 -16.10 -7.79
CA LEU C 34 -31.26 -15.25 -8.47
C LEU C 34 -32.71 -15.73 -8.28
N ASP C 35 -32.95 -17.05 -8.37
CA ASP C 35 -34.31 -17.58 -8.23
C ASP C 35 -34.84 -17.28 -6.83
N THR C 36 -33.91 -17.25 -5.86
CA THR C 36 -34.19 -16.87 -4.47
C THR C 36 -34.32 -15.37 -4.31
N ALA C 37 -33.48 -14.64 -5.05
CA ALA C 37 -33.54 -13.20 -5.06
C ALA C 37 -34.95 -12.80 -5.42
N ALA C 38 -35.42 -13.39 -6.52
CA ALA C 38 -36.80 -13.24 -7.00
C ALA C 38 -37.82 -13.64 -5.94
N ALA C 39 -37.86 -14.94 -5.63
CA ALA C 39 -38.83 -15.49 -4.69
C ALA C 39 -39.08 -14.60 -3.45
N LEU C 40 -38.02 -14.13 -2.79
CA LEU C 40 -38.18 -13.40 -1.53
C LEU C 40 -38.34 -11.90 -1.69
N TYR C 41 -37.88 -11.34 -2.82
CA TYR C 41 -37.69 -9.88 -2.96
C TYR C 41 -38.08 -9.25 -4.30
N ARG C 42 -38.78 -9.98 -5.17
CA ARG C 42 -39.09 -9.50 -6.53
C ARG C 42 -39.77 -8.14 -6.49
N ASP C 43 -40.76 -8.01 -5.62
CA ASP C 43 -41.55 -6.79 -5.51
C ASP C 43 -40.79 -5.60 -4.92
N ALA C 44 -39.92 -5.85 -3.94
CA ALA C 44 -39.08 -4.77 -3.38
C ALA C 44 -37.94 -4.34 -4.32
N LEU C 45 -37.34 -5.31 -5.01
CA LEU C 45 -36.25 -5.03 -5.97
C LEU C 45 -36.71 -4.32 -7.25
N GLU C 46 -37.90 -4.71 -7.74
CA GLU C 46 -38.57 -4.07 -8.91
C GLU C 46 -39.20 -2.73 -8.56
N SER C 47 -39.43 -2.51 -7.26
CA SER C 47 -40.03 -1.29 -6.72
C SER C 47 -39.30 0.03 -7.06
N PRO C 48 -40.01 1.18 -6.89
CA PRO C 48 -39.47 2.53 -6.97
C PRO C 48 -38.97 3.08 -5.63
N GLU C 49 -39.13 2.33 -4.53
CA GLU C 49 -38.46 2.69 -3.27
C GLU C 49 -37.03 2.15 -3.16
N HIS C 50 -36.19 2.85 -2.41
CA HIS C 50 -34.83 2.41 -2.16
C HIS C 50 -34.88 1.13 -1.32
N CYS C 51 -35.78 1.12 -0.33
CA CYS C 51 -35.96 0.04 0.65
C CYS C 51 -34.79 0.03 1.65
N SER C 52 -33.61 -0.36 1.20
CA SER C 52 -32.41 -0.19 2.02
C SER C 52 -31.15 -0.31 1.18
N PRO C 53 -30.03 0.21 1.72
CA PRO C 53 -28.71 0.07 1.14
C PRO C 53 -28.43 -1.31 0.52
N HIS C 54 -28.83 -2.37 1.22
CA HIS C 54 -28.66 -3.74 0.73
C HIS C 54 -29.43 -3.92 -0.56
N HIS C 55 -30.70 -3.48 -0.59
CA HIS C 55 -31.54 -3.60 -1.79
C HIS C 55 -30.89 -2.91 -2.99
N THR C 56 -30.38 -1.71 -2.76
CA THR C 56 -29.71 -0.94 -3.81
C THR C 56 -28.56 -1.70 -4.42
N ALA C 57 -27.71 -2.24 -3.56
CA ALA C 57 -26.50 -2.95 -4.00
C ALA C 57 -26.83 -4.22 -4.76
N LEU C 58 -27.83 -4.90 -4.22
CA LEU C 58 -28.29 -6.13 -4.79
C LEU C 58 -28.87 -5.90 -6.18
N ARG C 59 -29.70 -4.85 -6.28
CA ARG C 59 -30.21 -4.40 -7.57
C ARG C 59 -29.10 -4.29 -8.65
N GLN C 60 -27.99 -3.64 -8.31
CA GLN C 60 -26.92 -3.43 -9.30
C GLN C 60 -26.12 -4.72 -9.55
N ALA C 61 -25.97 -5.52 -8.49
CA ALA C 61 -25.25 -6.77 -8.58
C ALA C 61 -25.94 -7.71 -9.54
N ILE C 62 -27.27 -7.79 -9.41
CA ILE C 62 -28.06 -8.70 -10.26
C ILE C 62 -27.90 -8.32 -11.72
N LEU C 63 -28.12 -7.04 -12.00
CA LEU C 63 -28.02 -6.53 -13.36
C LEU C 63 -26.60 -6.62 -13.91
N CYS C 64 -25.60 -6.39 -13.05
CA CYS C 64 -24.20 -6.49 -13.46
C CYS C 64 -23.92 -7.90 -13.93
N TRP C 65 -24.39 -8.89 -13.15
CA TRP C 65 -24.22 -10.29 -13.53
C TRP C 65 -24.90 -10.56 -14.89
N GLY C 66 -26.08 -9.95 -15.05
CA GLY C 66 -26.77 -9.87 -16.34
C GLY C 66 -25.84 -9.57 -17.50
N ASP C 67 -25.11 -8.45 -17.38
CA ASP C 67 -24.16 -8.01 -18.39
C ASP C 67 -23.04 -9.01 -18.67
N LEU C 68 -22.61 -9.70 -17.61
CA LEU C 68 -21.54 -10.69 -17.70
C LEU C 68 -22.02 -11.98 -18.37
N MET C 69 -23.30 -12.32 -18.15
CA MET C 69 -23.93 -13.38 -18.93
C MET C 69 -24.26 -12.93 -20.36
N THR C 70 -24.91 -11.79 -20.54
CA THR C 70 -25.22 -11.28 -21.90
C THR C 70 -23.93 -11.09 -22.71
N LEU C 71 -22.78 -10.95 -22.02
CA LEU C 71 -21.47 -11.09 -22.66
C LEU C 71 -21.18 -12.55 -22.98
N ALA C 72 -21.30 -13.42 -22.00
CA ALA C 72 -20.96 -14.87 -22.12
C ALA C 72 -21.66 -15.61 -23.28
N THR C 73 -22.97 -15.40 -23.42
CA THR C 73 -23.71 -15.92 -24.58
C THR C 73 -23.10 -15.40 -25.89
N TRP C 74 -22.78 -14.10 -25.92
CA TRP C 74 -22.12 -13.45 -27.08
C TRP C 74 -20.64 -13.93 -27.29
N VAL C 75 -19.88 -14.20 -26.23
CA VAL C 75 -18.47 -14.70 -26.36
C VAL C 75 -18.44 -16.08 -27.04
N GLY C 76 -19.45 -16.89 -26.74
CA GLY C 76 -19.65 -18.19 -27.37
C GLY C 76 -20.06 -18.13 -28.83
N THR C 77 -20.92 -17.17 -29.19
CA THR C 77 -21.34 -16.94 -30.59
C THR C 77 -20.13 -16.83 -31.56
N ASN C 78 -19.02 -16.28 -31.08
CA ASN C 78 -17.76 -16.21 -31.83
C ASN C 78 -16.81 -17.31 -31.33
N LEU C 79 -16.78 -18.46 -32.03
CA LEU C 79 -16.03 -19.66 -31.57
C LEU C 79 -14.50 -19.51 -31.71
N GLU C 80 -13.85 -19.19 -30.59
CA GLU C 80 -12.40 -19.03 -30.52
C GLU C 80 -11.69 -20.33 -30.93
N ASP C 81 -12.05 -21.43 -30.27
CA ASP C 81 -11.50 -22.76 -30.56
C ASP C 81 -12.18 -23.40 -31.78
N ASP C 86 -12.72 -20.64 -26.00
CA ASP C 86 -12.40 -22.00 -25.60
C ASP C 86 -12.28 -22.16 -24.08
N LEU C 87 -11.63 -21.20 -23.42
CA LEU C 87 -11.38 -21.25 -21.98
C LEU C 87 -12.24 -20.27 -21.14
N VAL C 88 -13.30 -19.69 -21.73
CA VAL C 88 -14.20 -18.73 -21.03
C VAL C 88 -14.89 -19.33 -19.82
N VAL C 89 -15.32 -20.59 -19.92
CA VAL C 89 -15.92 -21.29 -18.77
C VAL C 89 -15.08 -21.21 -17.49
N SER C 90 -13.75 -21.36 -17.60
CA SER C 90 -12.85 -21.39 -16.41
C SER C 90 -12.81 -20.09 -15.61
N TYR C 91 -12.87 -18.97 -16.34
CA TYR C 91 -12.85 -17.65 -15.75
C TYR C 91 -14.29 -17.14 -15.53
N VAL C 92 -15.10 -17.02 -16.59
CA VAL C 92 -16.38 -16.28 -16.50
C VAL C 92 -17.40 -16.92 -15.57
N ASN C 93 -17.60 -18.24 -15.70
CA ASN C 93 -18.59 -18.97 -14.88
C ASN C 93 -17.98 -19.49 -13.55
N THR C 94 -16.65 -19.40 -13.39
CA THR C 94 -15.96 -20.02 -12.25
C THR C 94 -14.74 -19.26 -11.64
N ASN C 95 -14.43 -18.06 -12.13
CA ASN C 95 -13.47 -17.12 -11.48
C ASN C 95 -14.14 -15.77 -11.09
N VAL C 96 -15.02 -15.26 -11.96
CA VAL C 96 -15.92 -14.11 -11.68
C VAL C 96 -17.22 -14.57 -11.03
N GLY C 97 -17.68 -15.75 -11.42
CA GLY C 97 -18.86 -16.34 -10.85
C GLY C 97 -18.78 -16.43 -9.35
N LEU C 98 -17.63 -16.86 -8.85
CA LEU C 98 -17.35 -16.86 -7.41
C LEU C 98 -17.56 -15.47 -6.75
N LYS C 99 -17.04 -14.43 -7.39
CA LYS C 99 -17.19 -13.05 -6.94
C LYS C 99 -18.65 -12.71 -6.72
N PHE C 100 -19.48 -13.07 -7.69
CA PHE C 100 -20.90 -12.74 -7.65
C PHE C 100 -21.73 -13.64 -6.74
N ARG C 101 -21.35 -14.92 -6.72
CA ARG C 101 -21.91 -15.84 -5.75
C ARG C 101 -21.70 -15.28 -4.34
N GLN C 102 -20.49 -14.77 -4.07
CA GLN C 102 -20.20 -14.12 -2.79
C GLN C 102 -21.14 -12.95 -2.53
N LEU C 103 -21.15 -12.02 -3.49
CA LEU C 103 -21.87 -10.74 -3.35
C LEU C 103 -23.39 -10.93 -3.20
N LEU C 104 -23.96 -11.71 -4.12
CA LEU C 104 -25.39 -12.03 -4.10
C LEU C 104 -25.78 -12.74 -2.82
N TRP C 105 -24.97 -13.72 -2.42
CA TRP C 105 -25.19 -14.39 -1.16
C TRP C 105 -25.15 -13.39 -0.02
N PHE C 106 -24.10 -12.57 0.02
CA PHE C 106 -23.91 -11.62 1.14
C PHE C 106 -25.19 -10.83 1.43
N HIS C 107 -25.74 -10.27 0.36
CA HIS C 107 -26.90 -9.38 0.45
C HIS C 107 -28.20 -10.14 0.76
N ILE C 108 -28.53 -11.11 -0.09
CA ILE C 108 -29.75 -11.91 0.13
C ILE C 108 -29.85 -12.36 1.61
N SER C 109 -28.74 -12.86 2.15
N SER C 109 -28.76 -12.94 2.11
CA SER C 109 -28.69 -13.42 3.50
CA SER C 109 -28.69 -13.45 3.49
C SER C 109 -28.85 -12.34 4.54
C SER C 109 -28.85 -12.35 4.53
N CYS C 110 -28.24 -11.20 4.30
CA CYS C 110 -28.33 -10.06 5.22
C CYS C 110 -29.77 -9.58 5.32
N LEU C 111 -30.48 -9.63 4.19
CA LEU C 111 -31.89 -9.25 4.15
C LEU C 111 -32.75 -10.31 4.80
N THR C 112 -32.51 -11.57 4.47
CA THR C 112 -33.23 -12.67 5.12
C THR C 112 -32.98 -12.74 6.64
N PHE C 113 -31.73 -13.00 7.04
CA PHE C 113 -31.38 -13.36 8.43
C PHE C 113 -30.79 -12.25 9.28
N GLY C 114 -30.59 -11.08 8.70
CA GLY C 114 -30.05 -9.97 9.48
C GLY C 114 -28.53 -9.95 9.58
N ARG C 115 -27.95 -8.83 9.11
CA ARG C 115 -26.51 -8.66 8.95
C ARG C 115 -25.68 -9.14 10.16
N GLU C 116 -25.90 -8.55 11.32
CA GLU C 116 -25.21 -8.97 12.54
C GLU C 116 -25.04 -10.49 12.61
N THR C 117 -26.12 -11.24 12.40
CA THR C 117 -26.06 -12.71 12.55
C THR C 117 -25.49 -13.44 11.33
N VAL C 118 -25.54 -12.81 10.16
CA VAL C 118 -24.90 -13.35 8.95
C VAL C 118 -23.41 -13.45 9.17
N LEU C 119 -22.86 -12.42 9.82
CA LEU C 119 -21.44 -12.31 10.04
C LEU C 119 -20.99 -13.24 11.15
N GLU C 120 -21.81 -13.42 12.18
CA GLU C 120 -21.52 -14.42 13.22
C GLU C 120 -21.41 -15.78 12.54
N TYR C 121 -22.43 -16.12 11.73
CA TYR C 121 -22.45 -17.39 10.97
C TYR C 121 -21.24 -17.55 10.04
N LEU C 122 -20.82 -16.46 9.41
CA LEU C 122 -19.68 -16.47 8.48
C LEU C 122 -18.41 -17.03 9.15
N VAL C 123 -18.00 -16.42 10.26
CA VAL C 123 -16.79 -16.85 10.96
C VAL C 123 -16.97 -18.24 11.56
N SER C 124 -18.14 -18.47 12.15
CA SER C 124 -18.41 -19.73 12.83
C SER C 124 -18.33 -20.92 11.90
N PHE C 125 -18.74 -20.73 10.64
CA PHE C 125 -18.62 -21.77 9.63
C PHE C 125 -17.19 -21.95 9.13
N GLY C 126 -16.49 -20.84 8.91
CA GLY C 126 -15.08 -20.86 8.50
C GLY C 126 -14.15 -21.51 9.52
N VAL C 127 -14.40 -21.25 10.79
CA VAL C 127 -13.71 -22.01 11.83
C VAL C 127 -14.09 -23.50 11.73
N TRP C 128 -15.40 -23.76 11.70
CA TRP C 128 -15.95 -25.10 11.75
C TRP C 128 -15.43 -26.00 10.63
N ILE C 129 -15.52 -25.52 9.40
CA ILE C 129 -15.19 -26.36 8.23
C ILE C 129 -13.71 -26.69 8.16
N ARG C 130 -12.90 -25.79 8.70
CA ARG C 130 -11.45 -25.99 8.73
C ARG C 130 -10.99 -26.91 9.86
N THR C 131 -11.86 -27.13 10.85
CA THR C 131 -11.63 -28.15 11.86
C THR C 131 -11.70 -29.44 11.09
N PRO C 132 -10.62 -30.26 11.08
CA PRO C 132 -10.62 -31.40 10.15
C PRO C 132 -11.61 -32.51 10.52
N PRO C 133 -11.77 -33.51 9.62
CA PRO C 133 -12.82 -34.54 9.78
C PRO C 133 -12.77 -35.28 11.13
N ALA C 134 -11.64 -35.92 11.40
CA ALA C 134 -11.32 -36.47 12.71
C ALA C 134 -12.02 -35.82 13.92
N ALA C 135 -12.04 -34.50 14.00
CA ALA C 135 -12.52 -33.81 15.20
C ALA C 135 -13.67 -32.83 15.02
N ARG C 136 -14.11 -32.60 13.78
CA ARG C 136 -15.20 -31.65 13.49
C ARG C 136 -16.49 -32.31 13.84
N PRO C 137 -17.29 -31.73 14.77
CA PRO C 137 -18.63 -32.26 15.01
C PRO C 137 -19.39 -32.42 13.68
N PRO C 138 -20.27 -33.45 13.56
CA PRO C 138 -20.84 -33.69 12.23
C PRO C 138 -21.91 -32.64 11.78
N ASN C 139 -22.43 -31.85 12.72
CA ASN C 139 -23.54 -30.92 12.46
C ASN C 139 -23.13 -29.40 12.67
N ALA C 140 -22.99 -28.68 11.55
CA ALA C 140 -22.42 -27.31 11.51
C ALA C 140 -23.29 -26.28 12.25
N PRO C 141 -22.83 -25.01 12.36
CA PRO C 141 -23.70 -24.03 13.02
C PRO C 141 -24.70 -23.52 11.98
N ILE C 142 -25.80 -22.94 12.44
CA ILE C 142 -26.94 -22.67 11.56
C ILE C 142 -27.29 -21.20 11.43
N LEU C 143 -27.52 -20.83 10.16
CA LEU C 143 -28.05 -19.53 9.79
C LEU C 143 -29.59 -19.64 9.78
N SER C 144 -30.30 -18.78 10.55
CA SER C 144 -31.77 -18.89 10.64
C SER C 144 -32.54 -17.80 11.40
N THR C 145 -33.88 -17.93 11.33
CA THR C 145 -34.90 -17.27 12.19
C THR C 145 -35.30 -15.92 11.61
N SER D 3 -36.93 -14.65 -15.12
CA SER D 3 -37.28 -13.30 -15.61
C SER D 3 -37.72 -12.43 -14.44
N MET D 4 -36.80 -11.60 -13.97
CA MET D 4 -37.08 -10.48 -13.07
C MET D 4 -36.86 -9.24 -13.94
N ASP D 5 -37.31 -8.07 -13.48
CA ASP D 5 -37.24 -6.84 -14.30
C ASP D 5 -36.91 -5.62 -13.45
N ILE D 6 -35.60 -5.43 -13.23
CA ILE D 6 -35.09 -4.36 -12.37
C ILE D 6 -34.59 -3.24 -13.27
N ASP D 7 -35.02 -2.02 -12.94
CA ASP D 7 -34.53 -0.81 -13.58
C ASP D 7 -33.55 -0.13 -12.62
N PRO D 8 -32.27 0.03 -13.05
CA PRO D 8 -31.27 0.69 -12.22
C PRO D 8 -31.75 2.05 -11.73
N TYR D 9 -32.47 2.78 -12.61
CA TYR D 9 -32.84 4.19 -12.37
C TYR D 9 -34.15 4.38 -11.58
N LYS D 10 -34.97 3.35 -11.49
CA LYS D 10 -36.31 3.49 -10.93
C LYS D 10 -36.35 3.91 -9.46
N GLU D 11 -35.35 3.52 -8.68
CA GLU D 11 -35.30 3.95 -7.27
C GLU D 11 -34.79 5.37 -7.15
N PHE D 12 -34.15 5.87 -8.22
CA PHE D 12 -33.67 7.25 -8.32
C PHE D 12 -34.55 8.13 -9.24
N GLY D 13 -35.83 7.77 -9.37
CA GLY D 13 -36.83 8.64 -10.00
C GLY D 13 -36.65 8.85 -11.48
N ALA D 14 -36.31 7.81 -12.20
CA ALA D 14 -36.03 7.89 -13.64
C ALA D 14 -36.06 6.48 -14.21
N THR D 15 -35.62 6.30 -15.45
CA THR D 15 -35.75 5.04 -16.19
C THR D 15 -34.66 4.95 -17.20
N VAL D 16 -34.44 3.73 -17.68
CA VAL D 16 -33.52 3.48 -18.78
C VAL D 16 -33.94 4.34 -19.97
N GLU D 17 -35.25 4.41 -20.21
CA GLU D 17 -35.82 5.11 -21.39
C GLU D 17 -35.37 6.57 -21.40
N LEU D 18 -35.58 7.24 -20.26
CA LEU D 18 -35.26 8.65 -20.09
C LEU D 18 -33.78 8.95 -20.31
N LEU D 19 -32.91 8.13 -19.76
CA LEU D 19 -31.51 8.31 -20.05
C LEU D 19 -31.22 8.18 -21.52
N SER D 20 -31.89 7.23 -22.16
CA SER D 20 -31.71 7.02 -23.60
C SER D 20 -32.25 8.19 -24.45
N PHE D 21 -32.87 9.18 -23.82
CA PHE D 21 -33.30 10.42 -24.48
C PHE D 21 -32.11 11.27 -24.89
N LEU D 22 -31.14 11.39 -23.98
CA LEU D 22 -29.88 12.04 -24.30
C LEU D 22 -29.15 11.16 -25.30
N PRO D 23 -28.59 11.75 -26.37
CA PRO D 23 -27.90 10.95 -27.41
C PRO D 23 -26.54 10.40 -26.97
N SER D 24 -26.10 9.34 -27.64
N SER D 24 -26.07 9.35 -27.63
CA SER D 24 -24.86 8.62 -27.32
CA SER D 24 -24.85 8.64 -27.22
C SER D 24 -23.63 9.54 -27.21
C SER D 24 -23.61 9.55 -27.19
N ASP D 25 -23.53 10.52 -28.09
CA ASP D 25 -22.42 11.49 -28.12
C ASP D 25 -22.43 12.52 -26.97
N PHE D 26 -23.54 12.67 -26.24
CA PHE D 26 -23.61 13.56 -25.07
C PHE D 26 -22.74 13.10 -23.90
N PHE D 27 -22.69 11.79 -23.69
CA PHE D 27 -22.06 11.21 -22.50
C PHE D 27 -20.55 11.30 -22.54
N PRO D 28 -19.91 11.74 -21.43
CA PRO D 28 -18.45 11.73 -21.38
C PRO D 28 -17.98 10.31 -21.45
N SER D 29 -16.69 10.10 -21.71
CA SER D 29 -16.12 8.75 -21.78
C SER D 29 -16.13 8.07 -20.41
N VAL D 30 -16.00 6.75 -20.42
CA VAL D 30 -15.92 5.97 -19.19
C VAL D 30 -14.71 6.45 -18.40
N ARG D 31 -13.56 6.53 -19.09
CA ARG D 31 -12.31 7.00 -18.46
C ARG D 31 -12.53 8.31 -17.69
N ASP D 32 -13.03 9.30 -18.42
CA ASP D 32 -13.28 10.60 -17.87
C ASP D 32 -14.26 10.57 -16.71
N LEU D 33 -15.27 9.71 -16.81
CA LEU D 33 -16.27 9.53 -15.73
C LEU D 33 -15.69 8.92 -14.47
N LEU D 34 -14.86 7.89 -14.63
CA LEU D 34 -14.15 7.28 -13.49
C LEU D 34 -13.20 8.28 -12.82
N ASP D 35 -12.33 8.91 -13.62
CA ASP D 35 -11.36 9.92 -13.10
C ASP D 35 -12.02 11.03 -12.30
N THR D 36 -13.22 11.38 -12.73
CA THR D 36 -13.98 12.41 -12.07
C THR D 36 -14.64 11.95 -10.78
N ALA D 37 -15.07 10.70 -10.75
CA ALA D 37 -15.64 10.14 -9.53
C ALA D 37 -14.53 10.07 -8.51
N ALA D 38 -13.36 9.62 -8.95
CA ALA D 38 -12.13 9.70 -8.14
C ALA D 38 -11.88 11.14 -7.68
N ALA D 39 -11.71 12.04 -8.64
CA ALA D 39 -11.42 13.45 -8.36
C ALA D 39 -12.37 14.07 -7.33
N LEU D 40 -13.66 13.85 -7.52
CA LEU D 40 -14.64 14.54 -6.70
C LEU D 40 -15.02 13.75 -5.48
N TYR D 41 -14.76 12.43 -5.44
CA TYR D 41 -15.45 11.53 -4.48
C TYR D 41 -14.69 10.31 -3.91
N ARG D 42 -13.39 10.16 -4.15
CA ARG D 42 -12.68 8.93 -3.74
C ARG D 42 -12.77 8.67 -2.23
N ASP D 43 -12.80 9.73 -1.43
CA ASP D 43 -12.93 9.60 0.02
C ASP D 43 -14.25 8.96 0.41
N ALA D 44 -15.34 9.50 -0.12
CA ALA D 44 -16.69 9.01 0.19
C ALA D 44 -16.97 7.63 -0.35
N LEU D 45 -16.43 7.32 -1.52
CA LEU D 45 -16.65 6.01 -2.16
C LEU D 45 -15.96 4.86 -1.38
N GLU D 46 -14.69 5.10 -1.04
CA GLU D 46 -13.89 4.24 -0.14
C GLU D 46 -14.35 4.26 1.35
N SER D 47 -15.18 5.23 1.73
CA SER D 47 -15.81 5.31 3.07
C SER D 47 -16.48 4.01 3.53
N PRO D 48 -16.50 3.78 4.88
CA PRO D 48 -17.33 2.74 5.48
C PRO D 48 -18.77 3.21 5.74
N GLU D 49 -19.08 4.48 5.50
CA GLU D 49 -20.47 4.96 5.54
C GLU D 49 -21.13 4.69 4.19
N HIS D 50 -22.44 4.48 4.21
CA HIS D 50 -23.20 4.36 2.96
C HIS D 50 -23.15 5.69 2.20
N CYS D 51 -23.29 6.81 2.94
CA CYS D 51 -23.36 8.21 2.44
C CYS D 51 -24.73 8.58 1.83
N SER D 52 -25.13 7.88 0.77
CA SER D 52 -26.47 8.00 0.23
C SER D 52 -26.72 6.85 -0.76
N PRO D 53 -27.98 6.57 -1.09
CA PRO D 53 -28.33 5.64 -2.14
C PRO D 53 -27.52 5.82 -3.43
N HIS D 54 -27.24 7.08 -3.80
CA HIS D 54 -26.40 7.39 -4.96
C HIS D 54 -24.96 6.89 -4.82
N HIS D 55 -24.39 7.02 -3.63
CA HIS D 55 -23.05 6.48 -3.43
C HIS D 55 -23.03 4.96 -3.62
N THR D 56 -24.00 4.28 -3.01
CA THR D 56 -24.05 2.82 -3.07
C THR D 56 -24.07 2.29 -4.50
N ALA D 57 -24.96 2.86 -5.32
CA ALA D 57 -25.08 2.43 -6.71
C ALA D 57 -23.77 2.67 -7.48
N LEU D 58 -23.25 3.89 -7.33
CA LEU D 58 -22.05 4.30 -8.04
C LEU D 58 -20.89 3.39 -7.69
N ARG D 59 -20.78 3.04 -6.40
CA ARG D 59 -19.78 2.05 -5.97
C ARG D 59 -19.89 0.77 -6.81
N GLN D 60 -21.11 0.20 -6.90
CA GLN D 60 -21.27 -1.09 -7.57
C GLN D 60 -21.02 -0.95 -9.09
N ALA D 61 -21.41 0.22 -9.62
CA ALA D 61 -21.31 0.49 -11.03
C ALA D 61 -19.87 0.64 -11.47
N ILE D 62 -19.07 1.36 -10.69
CA ILE D 62 -17.62 1.50 -10.95
C ILE D 62 -16.95 0.13 -10.97
N LEU D 63 -17.24 -0.63 -9.90
CA LEU D 63 -16.75 -2.00 -9.73
C LEU D 63 -17.15 -2.99 -10.83
N CYS D 64 -18.43 -2.94 -11.20
CA CYS D 64 -18.95 -3.77 -12.28
C CYS D 64 -18.17 -3.58 -13.57
N TRP D 65 -18.01 -2.31 -13.94
CA TRP D 65 -17.22 -1.93 -15.12
C TRP D 65 -15.80 -2.46 -14.97
N GLY D 66 -15.27 -2.34 -13.74
CA GLY D 66 -14.03 -2.99 -13.34
C GLY D 66 -13.96 -4.45 -13.75
N ASP D 67 -14.95 -5.23 -13.32
CA ASP D 67 -15.02 -6.67 -13.62
C ASP D 67 -15.06 -6.95 -15.13
N LEU D 68 -15.83 -6.13 -15.86
CA LEU D 68 -15.90 -6.22 -17.32
C LEU D 68 -14.57 -5.90 -17.95
N MET D 69 -13.88 -4.89 -17.42
CA MET D 69 -12.56 -4.57 -17.93
C MET D 69 -11.53 -5.69 -17.66
N THR D 70 -11.40 -6.21 -16.44
CA THR D 70 -10.38 -7.24 -16.19
C THR D 70 -10.69 -8.54 -16.94
N LEU D 71 -11.96 -8.75 -17.31
CA LEU D 71 -12.35 -9.80 -18.27
C LEU D 71 -11.93 -9.45 -19.69
N ALA D 72 -12.02 -8.18 -20.05
CA ALA D 72 -11.49 -7.68 -21.33
C ALA D 72 -9.94 -7.60 -21.40
N THR D 73 -9.30 -7.49 -20.24
CA THR D 73 -7.86 -7.60 -20.17
C THR D 73 -7.55 -9.07 -20.36
N TRP D 74 -8.01 -9.89 -19.42
CA TRP D 74 -7.69 -11.32 -19.35
C TRP D 74 -7.93 -12.06 -20.67
N VAL D 75 -9.00 -11.71 -21.38
CA VAL D 75 -9.30 -12.31 -22.68
C VAL D 75 -8.24 -11.99 -23.75
N GLY D 76 -7.71 -10.76 -23.73
CA GLY D 76 -6.66 -10.34 -24.66
C GLY D 76 -5.42 -11.22 -24.57
N THR D 77 -4.98 -11.49 -23.35
CA THR D 77 -3.92 -12.47 -23.07
C THR D 77 -4.22 -13.86 -23.66
N ASN D 78 -5.31 -14.47 -23.21
CA ASN D 78 -5.56 -15.90 -23.36
C ASN D 78 -6.58 -16.31 -24.47
N LEU D 79 -6.53 -15.59 -25.61
CA LEU D 79 -7.21 -15.99 -26.85
C LEU D 79 -6.30 -15.64 -28.04
N GLU D 80 -6.18 -16.55 -29.01
CA GLU D 80 -5.21 -16.42 -30.10
C GLU D 80 -5.58 -15.39 -31.18
N ASP D 81 -6.80 -15.52 -31.70
CA ASP D 81 -7.18 -14.94 -33.01
C ASP D 81 -7.51 -13.45 -33.03
N PRO D 82 -7.29 -12.78 -34.19
CA PRO D 82 -7.90 -11.47 -34.47
C PRO D 82 -9.40 -11.47 -34.87
N ALA D 83 -10.19 -12.42 -34.34
CA ALA D 83 -11.65 -12.26 -34.19
C ALA D 83 -12.02 -11.77 -32.76
N SER D 84 -10.99 -11.44 -31.97
CA SER D 84 -11.11 -10.97 -30.57
C SER D 84 -10.53 -9.56 -30.31
N ARG D 85 -9.56 -9.10 -31.12
CA ARG D 85 -8.79 -7.87 -30.80
C ARG D 85 -9.62 -6.59 -31.02
N ASP D 86 -10.12 -6.39 -32.24
CA ASP D 86 -10.96 -5.23 -32.61
C ASP D 86 -12.47 -5.52 -32.60
N LEU D 87 -12.89 -6.63 -31.98
CA LEU D 87 -14.31 -7.03 -31.91
C LEU D 87 -14.82 -7.43 -30.50
N VAL D 88 -14.04 -8.19 -29.73
CA VAL D 88 -14.50 -8.77 -28.44
C VAL D 88 -13.90 -8.10 -27.19
N VAL D 89 -12.67 -7.62 -27.26
CA VAL D 89 -12.21 -6.57 -26.33
C VAL D 89 -13.18 -5.41 -26.53
N SER D 90 -13.35 -5.00 -27.78
CA SER D 90 -14.19 -3.87 -28.16
C SER D 90 -15.70 -4.17 -28.22
N TYR D 91 -16.11 -5.42 -28.00
CA TYR D 91 -17.53 -5.72 -27.73
C TYR D 91 -17.98 -4.92 -26.52
N VAL D 92 -17.11 -4.86 -25.52
CA VAL D 92 -17.40 -4.17 -24.29
C VAL D 92 -17.61 -2.68 -24.59
N ASN D 93 -16.57 -1.99 -25.06
CA ASN D 93 -16.70 -0.54 -25.36
C ASN D 93 -17.82 -0.19 -26.37
N THR D 94 -18.08 -1.08 -27.33
CA THR D 94 -19.20 -0.89 -28.26
C THR D 94 -20.54 -0.99 -27.54
N ASN D 95 -20.93 -2.21 -27.16
CA ASN D 95 -22.30 -2.51 -26.75
C ASN D 95 -22.60 -2.02 -25.34
N VAL D 96 -21.84 -2.53 -24.37
CA VAL D 96 -22.07 -2.24 -22.95
C VAL D 96 -21.42 -0.91 -22.46
N GLY D 97 -20.55 -0.32 -23.30
CA GLY D 97 -19.92 0.97 -23.01
C GLY D 97 -20.88 2.09 -22.68
N LEU D 98 -21.82 2.34 -23.58
CA LEU D 98 -22.78 3.41 -23.38
C LEU D 98 -23.58 3.25 -22.10
N LYS D 99 -24.04 2.03 -21.80
CA LYS D 99 -24.88 1.75 -20.62
C LYS D 99 -24.23 2.26 -19.34
N PHE D 100 -22.93 1.98 -19.23
CA PHE D 100 -22.12 2.43 -18.08
C PHE D 100 -21.76 3.90 -18.13
N ARG D 101 -21.52 4.44 -19.34
CA ARG D 101 -21.38 5.89 -19.52
C ARG D 101 -22.65 6.58 -19.05
N GLN D 102 -23.79 6.07 -19.51
CA GLN D 102 -25.07 6.50 -19.01
C GLN D 102 -25.17 6.43 -17.49
N LEU D 103 -24.86 5.26 -16.93
CA LEU D 103 -25.07 4.99 -15.49
C LEU D 103 -24.10 5.80 -14.59
N LEU D 104 -22.82 5.76 -14.94
CA LEU D 104 -21.82 6.54 -14.21
C LEU D 104 -22.15 8.06 -14.24
N TRP D 105 -22.43 8.56 -15.45
CA TRP D 105 -22.85 9.94 -15.61
C TRP D 105 -24.03 10.22 -14.70
N PHE D 106 -25.05 9.35 -14.74
CA PHE D 106 -26.26 9.63 -13.98
C PHE D 106 -25.99 9.90 -12.49
N HIS D 107 -25.21 9.01 -11.86
CA HIS D 107 -24.97 9.07 -10.41
C HIS D 107 -23.97 10.17 -10.03
N ILE D 108 -22.90 10.33 -10.80
CA ILE D 108 -21.94 11.42 -10.53
C ILE D 108 -22.62 12.77 -10.62
N SER D 109 -23.30 13.02 -11.75
N SER D 109 -23.29 13.03 -11.73
CA SER D 109 -24.06 14.27 -11.96
CA SER D 109 -24.00 14.30 -11.95
C SER D 109 -25.07 14.54 -10.86
C SER D 109 -25.09 14.54 -10.88
N CYS D 110 -25.72 13.48 -10.42
CA CYS D 110 -26.73 13.60 -9.36
C CYS D 110 -26.08 14.02 -8.04
N LEU D 111 -24.89 13.49 -7.75
CA LEU D 111 -24.15 13.86 -6.53
C LEU D 111 -23.65 15.28 -6.62
N THR D 112 -23.04 15.62 -7.76
CA THR D 112 -22.47 16.95 -8.03
C THR D 112 -23.50 18.12 -8.04
N PHE D 113 -24.60 17.95 -8.80
CA PHE D 113 -25.55 19.02 -9.12
C PHE D 113 -26.92 18.92 -8.46
N GLY D 114 -27.27 17.78 -7.88
CA GLY D 114 -28.62 17.51 -7.34
C GLY D 114 -29.49 16.71 -8.31
N ARG D 115 -30.25 15.72 -7.80
CA ARG D 115 -31.10 14.84 -8.63
C ARG D 115 -32.16 15.61 -9.43
N GLU D 116 -32.96 16.44 -8.77
CA GLU D 116 -33.98 17.20 -9.50
C GLU D 116 -33.37 18.01 -10.64
N THR D 117 -32.27 18.70 -10.34
CA THR D 117 -31.55 19.50 -11.32
C THR D 117 -31.08 18.69 -12.53
N VAL D 118 -30.59 17.47 -12.29
CA VAL D 118 -30.12 16.63 -13.39
C VAL D 118 -31.28 16.20 -14.30
N LEU D 119 -32.43 15.93 -13.71
CA LEU D 119 -33.59 15.50 -14.50
C LEU D 119 -34.11 16.63 -15.35
N GLU D 120 -34.30 17.80 -14.74
CA GLU D 120 -34.74 19.00 -15.49
C GLU D 120 -33.83 19.19 -16.70
N TYR D 121 -32.52 19.14 -16.45
CA TYR D 121 -31.52 19.39 -17.50
C TYR D 121 -31.60 18.35 -18.62
N LEU D 122 -31.93 17.10 -18.26
CA LEU D 122 -31.99 16.02 -19.23
C LEU D 122 -33.05 16.27 -20.32
N VAL D 123 -34.29 16.52 -19.89
CA VAL D 123 -35.35 16.90 -20.84
C VAL D 123 -35.04 18.22 -21.59
N SER D 124 -34.57 19.23 -20.86
CA SER D 124 -34.16 20.50 -21.46
C SER D 124 -33.19 20.31 -22.62
N PHE D 125 -32.23 19.40 -22.45
CA PHE D 125 -31.23 19.14 -23.50
C PHE D 125 -31.73 18.26 -24.67
N GLY D 126 -32.44 17.18 -24.36
CA GLY D 126 -33.00 16.34 -25.41
C GLY D 126 -33.99 17.05 -26.31
N VAL D 127 -34.75 17.98 -25.74
CA VAL D 127 -35.63 18.85 -26.53
C VAL D 127 -34.76 19.77 -27.40
N TRP D 128 -33.70 20.31 -26.79
CA TRP D 128 -32.85 21.30 -27.43
C TRP D 128 -32.09 20.69 -28.59
N ILE D 129 -31.34 19.64 -28.33
CA ILE D 129 -30.49 19.03 -29.37
C ILE D 129 -31.28 18.66 -30.63
N ARG D 130 -32.53 18.22 -30.43
CA ARG D 130 -33.40 17.75 -31.49
C ARG D 130 -34.10 18.86 -32.24
N THR D 131 -34.11 20.06 -31.65
CA THR D 131 -34.51 21.26 -32.37
C THR D 131 -33.47 21.43 -33.47
N PRO D 132 -33.88 21.50 -34.75
CA PRO D 132 -32.87 21.55 -35.82
C PRO D 132 -32.02 22.82 -35.85
N PRO D 133 -30.86 22.77 -36.54
CA PRO D 133 -29.93 23.88 -36.51
C PRO D 133 -30.58 25.26 -36.71
N ALA D 134 -31.32 25.40 -37.82
CA ALA D 134 -32.02 26.61 -38.20
C ALA D 134 -32.68 27.45 -37.08
N ALA D 135 -33.24 26.77 -36.07
CA ALA D 135 -33.94 27.45 -34.98
C ALA D 135 -33.43 27.13 -33.59
N ARG D 136 -32.41 26.30 -33.48
CA ARG D 136 -31.89 25.93 -32.17
C ARG D 136 -30.98 27.05 -31.74
N PRO D 137 -31.32 27.78 -30.66
CA PRO D 137 -30.34 28.73 -30.13
C PRO D 137 -28.95 28.10 -30.02
N PRO D 138 -27.88 28.86 -30.31
CA PRO D 138 -26.57 28.20 -30.29
C PRO D 138 -26.03 27.94 -28.85
N ASN D 139 -26.73 28.45 -27.82
CA ASN D 139 -26.43 28.17 -26.42
C ASN D 139 -27.34 27.08 -25.84
N ALA D 140 -26.75 25.90 -25.61
CA ALA D 140 -27.42 24.78 -24.94
C ALA D 140 -27.78 25.14 -23.50
N PRO D 141 -28.76 24.46 -22.91
CA PRO D 141 -29.02 24.74 -21.51
C PRO D 141 -27.86 24.24 -20.66
N ILE D 142 -27.73 24.82 -19.48
CA ILE D 142 -26.54 24.63 -18.66
C ILE D 142 -26.90 23.75 -17.48
N LEU D 143 -25.98 22.87 -17.11
CA LEU D 143 -26.11 22.08 -15.91
C LEU D 143 -25.14 22.68 -14.91
N SER D 144 -25.64 23.11 -13.74
CA SER D 144 -24.73 23.71 -12.74
C SER D 144 -25.19 23.73 -11.28
N THR D 145 -24.19 24.03 -10.44
CA THR D 145 -24.37 24.52 -9.07
C THR D 145 -25.35 25.69 -9.07
N SER E 3 12.38 3.19 1.22
CA SER E 3 12.30 4.66 1.45
C SER E 3 10.83 5.15 1.44
N MET E 4 10.66 6.47 1.57
CA MET E 4 9.36 7.09 1.79
C MET E 4 8.59 7.29 0.50
N ASP E 5 7.30 7.59 0.63
CA ASP E 5 6.51 8.17 -0.45
C ASP E 5 6.10 9.54 0.05
N ILE E 6 6.70 10.59 -0.53
CA ILE E 6 6.34 11.97 -0.22
C ILE E 6 5.57 12.54 -1.39
N ASP E 7 4.46 13.22 -1.11
CA ASP E 7 3.66 13.92 -2.12
C ASP E 7 3.96 15.43 -2.04
N PRO E 8 4.55 16.02 -3.09
CA PRO E 8 4.90 17.42 -2.94
C PRO E 8 3.70 18.33 -2.70
N TYR E 9 2.49 17.85 -3.05
CA TYR E 9 1.26 18.63 -2.93
C TYR E 9 0.48 18.47 -1.62
N LYS E 10 0.82 17.47 -0.82
CA LYS E 10 0.02 17.08 0.33
C LYS E 10 -0.02 18.16 1.42
N GLU E 11 1.12 18.82 1.65
CA GLU E 11 1.19 19.88 2.66
C GLU E 11 0.38 21.10 2.24
N PHE E 12 0.07 21.16 0.94
CA PHE E 12 -0.81 22.18 0.34
C PHE E 12 -2.19 21.61 -0.06
N GLY E 13 -2.75 20.76 0.79
CA GLY E 13 -4.12 20.24 0.60
C GLY E 13 -4.46 19.82 -0.80
N ALA E 14 -3.62 18.96 -1.37
CA ALA E 14 -3.78 18.48 -2.75
C ALA E 14 -2.93 17.23 -2.95
N THR E 15 -2.91 16.68 -4.16
CA THR E 15 -2.13 15.47 -4.49
C THR E 15 -1.73 15.45 -5.96
N VAL E 16 -0.77 14.58 -6.24
CA VAL E 16 -0.29 14.31 -7.61
C VAL E 16 -1.45 13.79 -8.48
N GLU E 17 -2.26 12.91 -7.89
CA GLU E 17 -3.44 12.37 -8.58
C GLU E 17 -4.39 13.49 -8.97
N LEU E 18 -4.63 14.44 -8.05
CA LEU E 18 -5.52 15.59 -8.29
C LEU E 18 -5.00 16.56 -9.40
N LEU E 19 -3.71 16.87 -9.38
CA LEU E 19 -3.14 17.65 -10.48
C LEU E 19 -3.12 16.93 -11.84
N SER E 20 -3.12 15.60 -11.85
CA SER E 20 -3.26 14.86 -13.10
C SER E 20 -4.70 14.88 -13.63
N PHE E 21 -5.60 15.54 -12.90
CA PHE E 21 -6.97 15.76 -13.38
C PHE E 21 -6.98 16.77 -14.54
N LEU E 22 -6.18 17.82 -14.46
CA LEU E 22 -6.04 18.80 -15.55
C LEU E 22 -5.17 18.16 -16.65
N PRO E 23 -5.61 18.22 -17.92
CA PRO E 23 -4.84 17.57 -19.00
C PRO E 23 -3.50 18.24 -19.32
N SER E 24 -2.61 17.51 -20.00
CA SER E 24 -1.26 18.00 -20.34
C SER E 24 -1.30 19.37 -20.99
N ASP E 25 -2.21 19.56 -21.94
CA ASP E 25 -2.22 20.78 -22.73
C ASP E 25 -2.81 21.95 -22.00
N PHE E 26 -3.37 21.77 -20.80
CA PHE E 26 -3.80 22.91 -19.98
C PHE E 26 -2.63 23.74 -19.44
N PHE E 27 -1.58 23.07 -18.96
CA PHE E 27 -0.51 23.75 -18.21
C PHE E 27 0.29 24.61 -19.15
N PRO E 28 0.63 25.85 -18.73
CA PRO E 28 1.52 26.69 -19.57
C PRO E 28 2.87 26.01 -19.85
N SER E 29 3.69 26.56 -20.75
CA SER E 29 5.05 26.02 -21.02
C SER E 29 5.98 26.30 -19.84
N VAL E 30 7.09 25.58 -19.74
CA VAL E 30 8.02 25.80 -18.61
C VAL E 30 8.71 27.19 -18.73
N ARG E 31 9.15 27.54 -19.96
CA ARG E 31 9.70 28.89 -20.27
C ARG E 31 8.76 29.98 -19.74
N ASP E 32 7.49 29.88 -20.11
CA ASP E 32 6.46 30.86 -19.71
C ASP E 32 6.17 30.89 -18.20
N LEU E 33 6.24 29.72 -17.55
CA LEU E 33 6.01 29.60 -16.10
C LEU E 33 7.11 30.26 -15.32
N LEU E 34 8.34 30.01 -15.74
CA LEU E 34 9.52 30.64 -15.15
C LEU E 34 9.55 32.15 -15.36
N ASP E 35 9.18 32.63 -16.57
CA ASP E 35 9.13 34.08 -16.87
C ASP E 35 8.06 34.77 -16.03
N THR E 36 6.97 34.06 -15.77
CA THR E 36 5.89 34.56 -14.90
C THR E 36 6.29 34.58 -13.43
N ALA E 37 7.07 33.60 -13.03
CA ALA E 37 7.56 33.53 -11.65
C ALA E 37 8.46 34.69 -11.37
N ALA E 38 9.27 35.02 -12.38
CA ALA E 38 10.21 36.15 -12.32
C ALA E 38 9.47 37.45 -12.34
N ALA E 39 8.69 37.65 -13.40
CA ALA E 39 7.95 38.88 -13.61
C ALA E 39 7.01 39.25 -12.46
N LEU E 40 6.56 38.26 -11.68
CA LEU E 40 5.66 38.48 -10.57
C LEU E 40 6.30 38.38 -9.21
N TYR E 41 7.34 37.55 -9.05
CA TYR E 41 7.88 37.21 -7.71
C TYR E 41 9.39 37.25 -7.53
N ARG E 42 10.15 37.63 -8.56
CA ARG E 42 11.61 37.60 -8.44
C ARG E 42 12.10 38.24 -7.15
N ASP E 43 11.48 39.35 -6.74
CA ASP E 43 11.86 40.06 -5.51
C ASP E 43 11.68 39.21 -4.27
N ALA E 44 10.48 38.66 -4.11
CA ALA E 44 10.17 37.80 -2.95
C ALA E 44 10.83 36.42 -2.96
N LEU E 45 11.05 35.85 -4.15
CA LEU E 45 11.82 34.60 -4.29
C LEU E 45 13.28 34.81 -3.94
N GLU E 46 13.87 35.89 -4.47
CA GLU E 46 15.26 36.28 -4.17
C GLU E 46 15.48 36.83 -2.76
N SER E 47 14.42 37.11 -2.00
CA SER E 47 14.55 37.66 -0.64
C SER E 47 15.12 36.64 0.36
N PRO E 48 15.51 37.11 1.59
CA PRO E 48 15.95 36.24 2.68
C PRO E 48 14.84 35.82 3.65
N GLU E 49 13.60 36.23 3.40
CA GLU E 49 12.45 35.77 4.18
C GLU E 49 11.81 34.55 3.50
N HIS E 50 11.18 33.69 4.30
CA HIS E 50 10.46 32.54 3.77
C HIS E 50 9.23 32.99 2.95
N CYS E 51 8.50 33.98 3.49
CA CYS E 51 7.30 34.62 2.88
C CYS E 51 6.04 33.76 3.02
N SER E 52 6.13 32.53 2.55
CA SER E 52 5.08 31.53 2.73
C SER E 52 5.63 30.15 2.34
N PRO E 53 5.06 29.09 2.94
CA PRO E 53 5.34 27.74 2.49
C PRO E 53 5.33 27.56 0.97
N HIS E 54 4.41 28.26 0.28
CA HIS E 54 4.35 28.23 -1.19
C HIS E 54 5.65 28.76 -1.79
N HIS E 55 6.12 29.89 -1.27
CA HIS E 55 7.38 30.50 -1.75
C HIS E 55 8.59 29.55 -1.63
N THR E 56 8.69 28.90 -0.47
CA THR E 56 9.80 27.98 -0.17
C THR E 56 9.86 26.81 -1.16
N ALA E 57 8.70 26.23 -1.44
CA ALA E 57 8.59 25.10 -2.34
C ALA E 57 8.96 25.50 -3.78
N LEU E 58 8.42 26.64 -4.21
CA LEU E 58 8.63 27.11 -5.56
C LEU E 58 10.10 27.45 -5.80
N ARG E 59 10.75 28.07 -4.82
CA ARG E 59 12.20 28.28 -4.90
C ARG E 59 12.94 26.99 -5.30
N GLN E 60 12.61 25.88 -4.63
CA GLN E 60 13.33 24.62 -4.89
C GLN E 60 12.99 24.09 -6.29
N ALA E 61 11.74 24.24 -6.70
CA ALA E 61 11.29 23.69 -7.96
C ALA E 61 11.94 24.37 -9.15
N ILE E 62 12.08 25.70 -9.11
CA ILE E 62 12.76 26.48 -10.19
C ILE E 62 14.19 25.98 -10.27
N LEU E 63 14.83 25.89 -9.09
CA LEU E 63 16.21 25.40 -8.95
C LEU E 63 16.38 23.97 -9.42
N CYS E 64 15.48 23.10 -8.97
CA CYS E 64 15.51 21.72 -9.38
C CYS E 64 15.49 21.61 -10.89
N TRP E 65 14.52 22.27 -11.50
CA TRP E 65 14.40 22.25 -12.94
C TRP E 65 15.70 22.75 -13.54
N GLY E 66 16.27 23.78 -12.90
CA GLY E 66 17.61 24.23 -13.23
C GLY E 66 18.57 23.05 -13.29
N ASP E 67 18.70 22.36 -12.16
CA ASP E 67 19.59 21.18 -12.02
C ASP E 67 19.34 20.11 -13.14
N LEU E 68 18.06 19.88 -13.48
CA LEU E 68 17.64 18.93 -14.52
C LEU E 68 17.98 19.39 -15.92
N MET E 69 18.09 20.71 -16.12
CA MET E 69 18.55 21.26 -17.40
C MET E 69 20.06 21.19 -17.51
N THR E 70 20.76 21.89 -16.61
CA THR E 70 22.22 21.87 -16.52
C THR E 70 22.81 20.48 -16.75
N LEU E 71 22.06 19.45 -16.33
CA LEU E 71 22.46 18.05 -16.46
C LEU E 71 22.21 17.45 -17.85
N ALA E 72 21.01 17.59 -18.40
CA ALA E 72 20.72 17.14 -19.77
C ALA E 72 21.27 18.10 -20.86
N THR E 73 21.63 19.33 -20.47
CA THR E 73 22.32 20.26 -21.36
C THR E 73 23.81 19.89 -21.43
N TRP E 74 24.33 19.24 -20.39
CA TRP E 74 25.73 18.78 -20.32
C TRP E 74 26.01 17.49 -21.14
N VAL E 75 25.03 16.64 -21.40
CA VAL E 75 25.26 15.45 -22.26
C VAL E 75 25.43 15.79 -23.76
N GLY E 76 24.77 16.86 -24.22
CA GLY E 76 24.99 17.41 -25.56
C GLY E 76 26.39 17.97 -25.75
N THR E 77 26.97 18.52 -24.68
CA THR E 77 28.37 18.99 -24.65
C THR E 77 29.31 18.14 -23.73
N ASN E 78 29.20 16.81 -23.81
CA ASN E 78 30.08 15.90 -23.05
C ASN E 78 30.18 14.54 -23.74
N LEU E 79 29.04 13.86 -23.89
CA LEU E 79 28.96 12.60 -24.65
C LEU E 79 28.13 12.82 -25.92
N GLU E 80 28.82 13.17 -27.02
CA GLU E 80 28.20 13.45 -28.32
C GLU E 80 27.78 12.17 -29.06
N ASP E 81 26.49 12.07 -29.41
CA ASP E 81 25.93 10.92 -30.12
C ASP E 81 24.65 11.37 -30.88
N PRO E 82 24.73 11.55 -32.22
CA PRO E 82 23.61 12.02 -33.07
C PRO E 82 22.22 11.44 -32.77
N ARG E 85 22.90 16.04 -31.97
CA ARG E 85 21.54 15.92 -31.47
C ARG E 85 21.50 15.03 -30.21
N ASP E 86 20.29 14.68 -29.78
CA ASP E 86 20.06 13.74 -28.67
C ASP E 86 18.57 13.39 -28.49
N LEU E 87 18.29 12.34 -27.70
CA LEU E 87 16.94 12.13 -27.11
C LEU E 87 17.08 12.16 -25.57
N VAL E 88 17.95 13.07 -25.10
CA VAL E 88 18.37 13.19 -23.69
C VAL E 88 18.11 14.63 -23.18
N VAL E 89 18.57 15.64 -23.93
CA VAL E 89 18.02 17.00 -23.83
C VAL E 89 16.49 16.97 -24.11
N SER E 90 16.06 16.03 -24.95
CA SER E 90 14.67 15.84 -25.40
C SER E 90 13.88 14.69 -24.72
N TYR E 91 14.52 13.88 -23.87
CA TYR E 91 13.78 12.97 -22.95
C TYR E 91 13.13 13.73 -21.80
N VAL E 92 13.76 14.83 -21.38
CA VAL E 92 13.26 15.64 -20.26
C VAL E 92 11.91 16.26 -20.62
N ASN E 93 11.91 17.09 -21.66
CA ASN E 93 10.67 17.70 -22.18
C ASN E 93 9.58 16.63 -22.48
N THR E 94 10.00 15.38 -22.75
CA THR E 94 9.09 14.22 -22.81
C THR E 94 8.44 13.90 -21.45
N ASN E 95 9.22 13.34 -20.51
CA ASN E 95 8.67 12.78 -19.26
C ASN E 95 8.53 13.78 -18.08
N VAL E 96 9.65 14.38 -17.69
CA VAL E 96 9.73 15.26 -16.51
C VAL E 96 9.07 16.66 -16.73
N GLY E 97 8.94 17.10 -17.98
CA GLY E 97 8.39 18.41 -18.30
C GLY E 97 7.04 18.66 -17.64
N LEU E 98 6.09 17.77 -17.93
CA LEU E 98 4.74 17.87 -17.36
C LEU E 98 4.77 17.99 -15.83
N LYS E 99 5.48 17.07 -15.19
CA LYS E 99 5.64 17.02 -13.73
C LYS E 99 5.98 18.40 -13.18
N PHE E 100 6.96 19.06 -13.79
CA PHE E 100 7.32 20.40 -13.35
C PHE E 100 6.37 21.50 -13.82
N ARG E 101 5.79 21.37 -15.01
CA ARG E 101 4.78 22.35 -15.46
C ARG E 101 3.64 22.43 -14.45
N GLN E 102 3.17 21.25 -14.02
CA GLN E 102 2.19 21.15 -12.94
C GLN E 102 2.63 21.88 -11.68
N LEU E 103 3.80 21.49 -11.18
CA LEU E 103 4.30 21.96 -9.90
C LEU E 103 4.57 23.49 -9.93
N LEU E 104 5.28 23.93 -10.95
CA LEU E 104 5.46 25.36 -11.15
C LEU E 104 4.11 26.06 -11.23
N TRP E 105 3.18 25.51 -12.03
CA TRP E 105 1.85 26.09 -12.18
C TRP E 105 1.09 26.16 -10.87
N PHE E 106 1.01 25.02 -10.17
CA PHE E 106 0.29 24.95 -8.90
C PHE E 106 0.67 26.10 -7.95
N HIS E 107 1.97 26.29 -7.80
CA HIS E 107 2.52 27.21 -6.82
C HIS E 107 2.47 28.67 -7.22
N ILE E 108 2.67 28.95 -8.51
CA ILE E 108 2.50 30.31 -9.03
C ILE E 108 1.03 30.69 -8.93
N SER E 109 0.16 29.83 -9.48
CA SER E 109 -1.27 30.01 -9.40
C SER E 109 -1.73 30.14 -7.98
N CYS E 110 -1.18 29.34 -7.08
CA CYS E 110 -1.65 29.39 -5.69
C CYS E 110 -1.39 30.76 -5.08
N LEU E 111 -0.22 31.33 -5.34
CA LEU E 111 0.12 32.66 -4.85
C LEU E 111 -0.61 33.77 -5.59
N THR E 112 -0.71 33.64 -6.90
CA THR E 112 -1.37 34.66 -7.71
C THR E 112 -2.86 34.79 -7.36
N PHE E 113 -3.57 33.66 -7.27
CA PHE E 113 -5.02 33.64 -7.09
C PHE E 113 -5.55 33.11 -5.76
N GLY E 114 -4.66 32.57 -4.90
CA GLY E 114 -5.04 31.95 -3.61
C GLY E 114 -5.32 30.47 -3.73
N ARG E 115 -4.69 29.65 -2.89
CA ARG E 115 -4.79 28.19 -3.00
C ARG E 115 -6.26 27.70 -3.11
N GLU E 116 -7.09 28.14 -2.19
CA GLU E 116 -8.47 27.70 -2.09
C GLU E 116 -9.19 27.86 -3.42
N THR E 117 -9.09 29.07 -3.99
CA THR E 117 -9.60 29.38 -5.33
C THR E 117 -9.11 28.41 -6.40
N VAL E 118 -7.79 28.21 -6.45
CA VAL E 118 -7.19 27.38 -7.49
C VAL E 118 -7.84 26.01 -7.48
N LEU E 119 -8.02 25.47 -6.28
CA LEU E 119 -8.57 24.15 -6.13
C LEU E 119 -10.07 24.06 -6.44
N GLU E 120 -10.82 25.16 -6.35
CA GLU E 120 -12.18 25.19 -6.92
C GLU E 120 -12.01 25.11 -8.44
N TYR E 121 -11.16 25.99 -8.98
CA TYR E 121 -10.95 26.09 -10.45
C TYR E 121 -10.43 24.80 -11.10
N LEU E 122 -9.65 24.03 -10.33
CA LEU E 122 -9.06 22.79 -10.82
C LEU E 122 -10.14 21.71 -11.02
N VAL E 123 -11.06 21.61 -10.06
CA VAL E 123 -12.18 20.67 -10.17
C VAL E 123 -13.16 21.12 -11.28
N SER E 124 -13.43 22.42 -11.34
CA SER E 124 -14.37 22.98 -12.31
C SER E 124 -13.92 22.79 -13.75
N PHE E 125 -12.64 23.01 -14.02
CA PHE E 125 -12.10 22.82 -15.36
C PHE E 125 -12.12 21.36 -15.79
N GLY E 126 -11.66 20.45 -14.92
CA GLY E 126 -11.59 19.03 -15.27
C GLY E 126 -12.95 18.41 -15.60
N VAL E 127 -13.97 18.80 -14.86
CA VAL E 127 -15.35 18.43 -15.17
C VAL E 127 -15.73 18.97 -16.54
N TRP E 128 -15.52 20.27 -16.73
CA TRP E 128 -15.88 20.98 -17.94
C TRP E 128 -15.24 20.35 -19.19
N ILE E 129 -13.91 20.32 -19.24
CA ILE E 129 -13.20 19.85 -20.45
C ILE E 129 -13.67 18.45 -20.83
N ARG E 130 -14.02 17.65 -19.84
CA ARG E 130 -14.58 16.31 -20.07
C ARG E 130 -16.06 16.26 -20.49
N THR E 131 -16.81 17.33 -20.29
CA THR E 131 -18.16 17.44 -20.85
C THR E 131 -17.91 17.50 -22.35
N PRO E 132 -18.57 16.65 -23.15
CA PRO E 132 -18.22 16.64 -24.58
C PRO E 132 -18.72 17.84 -25.37
N PRO E 133 -18.20 18.05 -26.59
CA PRO E 133 -18.48 19.24 -27.40
C PRO E 133 -19.96 19.63 -27.50
N ALA E 134 -20.82 18.65 -27.78
CA ALA E 134 -22.26 18.87 -27.91
C ALA E 134 -22.96 19.56 -26.71
N ALA E 135 -22.44 19.33 -25.50
CA ALA E 135 -23.06 19.87 -24.28
C ALA E 135 -22.23 20.87 -23.47
N ARG E 136 -20.93 20.90 -23.70
CA ARG E 136 -20.04 21.75 -22.90
C ARG E 136 -20.27 23.17 -23.35
N PRO E 137 -20.68 24.07 -22.43
CA PRO E 137 -20.83 25.48 -22.81
C PRO E 137 -19.56 26.02 -23.48
N PRO E 138 -19.67 27.13 -24.23
CA PRO E 138 -18.48 27.58 -24.97
C PRO E 138 -17.41 28.19 -24.04
N ASN E 139 -17.84 28.69 -22.88
CA ASN E 139 -16.98 29.37 -21.92
C ASN E 139 -16.52 28.43 -20.81
N ALA E 140 -15.20 28.19 -20.75
CA ALA E 140 -14.56 27.55 -19.60
C ALA E 140 -14.77 28.42 -18.36
N PRO E 141 -14.69 27.82 -17.15
CA PRO E 141 -14.72 28.66 -15.95
C PRO E 141 -13.43 29.48 -15.80
N ILE E 142 -13.46 30.46 -14.90
CA ILE E 142 -12.43 31.48 -14.84
C ILE E 142 -11.65 31.42 -13.53
N LEU E 143 -10.32 31.40 -13.67
CA LEU E 143 -9.37 31.66 -12.58
C LEU E 143 -9.10 33.17 -12.54
N SER E 144 -9.30 33.82 -11.38
CA SER E 144 -9.44 35.29 -11.34
C SER E 144 -9.09 35.99 -10.02
N THR E 145 -9.07 37.33 -10.12
CA THR E 145 -8.18 38.27 -9.39
C THR E 145 -6.88 38.26 -10.21
N LEU E 146 -7.03 38.40 -11.54
CA LEU E 146 -6.06 37.91 -12.56
C LEU E 146 -4.66 38.56 -12.65
N PRO E 147 -3.69 38.01 -11.91
CA PRO E 147 -2.31 38.48 -11.93
C PRO E 147 -2.20 39.97 -11.56
N SER F 3 16.93 33.97 -15.95
CA SER F 3 17.39 35.28 -15.41
C SER F 3 16.87 35.58 -13.97
N MET F 4 17.05 34.62 -13.06
CA MET F 4 16.78 34.79 -11.62
C MET F 4 17.89 34.10 -10.83
N ASP F 5 18.38 34.77 -9.79
CA ASP F 5 19.47 34.28 -8.93
C ASP F 5 18.86 33.97 -7.57
N ILE F 6 18.31 32.75 -7.42
CA ILE F 6 17.74 32.26 -6.14
C ILE F 6 18.80 31.40 -5.45
N ASP F 7 18.97 31.60 -4.15
CA ASP F 7 19.93 30.82 -3.37
C ASP F 7 19.15 29.94 -2.36
N PRO F 8 19.17 28.59 -2.55
CA PRO F 8 18.36 27.70 -1.74
C PRO F 8 18.51 27.93 -0.27
N TYR F 9 19.69 28.39 0.12
CA TYR F 9 20.05 28.56 1.53
C TYR F 9 19.63 29.92 2.11
N LYS F 10 19.54 30.93 1.24
CA LYS F 10 19.30 32.33 1.64
C LYS F 10 18.13 32.57 2.60
N GLU F 11 17.01 31.87 2.40
CA GLU F 11 15.86 32.02 3.30
C GLU F 11 16.10 31.41 4.68
N PHE F 12 17.09 30.51 4.77
CA PHE F 12 17.50 29.87 6.02
C PHE F 12 18.77 30.48 6.62
N GLY F 13 19.12 31.69 6.18
CA GLY F 13 20.25 32.43 6.74
C GLY F 13 21.60 31.85 6.45
N ALA F 14 21.73 31.26 5.26
CA ALA F 14 23.02 30.80 4.80
C ALA F 14 23.11 31.10 3.31
N THR F 15 24.12 30.56 2.65
CA THR F 15 24.42 30.83 1.26
C THR F 15 25.10 29.61 0.69
N VAL F 16 25.16 29.53 -0.62
CA VAL F 16 25.86 28.45 -1.32
C VAL F 16 27.33 28.46 -0.86
N GLU F 17 27.96 29.64 -0.78
CA GLU F 17 29.40 29.71 -0.49
C GLU F 17 29.76 29.22 0.92
N LEU F 18 29.06 29.69 1.97
CA LEU F 18 29.24 29.14 3.35
C LEU F 18 29.20 27.62 3.45
N LEU F 19 28.35 26.99 2.66
CA LEU F 19 28.34 25.54 2.59
C LEU F 19 29.49 25.00 1.78
N SER F 20 29.94 25.73 0.76
CA SER F 20 31.10 25.26 0.00
C SER F 20 32.36 25.37 0.84
N PHE F 21 32.24 25.94 2.04
CA PHE F 21 33.33 26.02 3.01
C PHE F 21 33.75 24.66 3.55
N LEU F 22 32.79 23.75 3.71
CA LEU F 22 33.07 22.39 4.20
C LEU F 22 33.55 21.54 3.02
N PRO F 23 34.55 20.65 3.24
CA PRO F 23 35.12 19.89 2.09
C PRO F 23 34.21 18.81 1.46
N SER F 24 34.53 18.42 0.24
CA SER F 24 33.72 17.44 -0.52
C SER F 24 33.50 16.15 0.24
N ASP F 25 34.51 15.71 0.98
CA ASP F 25 34.42 14.48 1.78
C ASP F 25 33.88 14.65 3.21
N PHE F 26 33.53 15.87 3.63
CA PHE F 26 32.83 16.05 4.92
C PHE F 26 31.39 15.50 4.96
N PHE F 27 30.70 15.62 3.82
CA PHE F 27 29.28 15.32 3.75
C PHE F 27 29.03 13.80 3.71
N PRO F 28 27.96 13.32 4.39
CA PRO F 28 27.60 11.92 4.20
C PRO F 28 27.13 11.65 2.78
N SER F 29 26.94 10.38 2.44
CA SER F 29 26.49 10.01 1.09
C SER F 29 25.03 10.45 0.87
N VAL F 30 24.53 10.33 -0.36
CA VAL F 30 23.12 10.64 -0.60
C VAL F 30 22.29 9.55 0.05
N ARG F 31 22.69 8.28 -0.16
CA ARG F 31 22.04 7.11 0.45
C ARG F 31 21.88 7.32 1.95
N ASP F 32 23.00 7.51 2.63
CA ASP F 32 23.00 7.70 4.07
C ASP F 32 22.19 8.90 4.54
N LEU F 33 22.04 9.92 3.69
CA LEU F 33 21.23 11.12 4.01
C LEU F 33 19.75 10.88 3.88
N LEU F 34 19.38 10.09 2.89
CA LEU F 34 17.98 9.70 2.71
C LEU F 34 17.58 8.79 3.87
N ASP F 35 18.30 7.67 4.04
CA ASP F 35 18.02 6.70 5.14
C ASP F 35 17.85 7.41 6.48
N THR F 36 18.70 8.38 6.76
CA THR F 36 18.63 9.16 7.99
C THR F 36 17.39 10.07 8.09
N ALA F 37 16.98 10.61 6.96
CA ALA F 37 15.85 11.52 6.92
C ALA F 37 14.61 10.70 7.12
N ALA F 38 14.59 9.50 6.54
CA ALA F 38 13.51 8.53 6.74
C ALA F 38 13.41 8.09 8.20
N ALA F 39 14.55 7.67 8.76
CA ALA F 39 14.57 7.18 10.12
C ALA F 39 14.18 8.24 11.17
N LEU F 40 14.60 9.47 10.97
CA LEU F 40 14.25 10.52 11.92
C LEU F 40 12.95 11.21 11.57
N TYR F 41 12.57 11.25 10.29
CA TYR F 41 11.57 12.20 9.83
C TYR F 41 10.44 11.69 8.92
N ARG F 42 10.44 10.41 8.57
CA ARG F 42 9.43 9.86 7.63
C ARG F 42 8.01 10.38 7.90
N ASP F 43 7.51 10.21 9.13
CA ASP F 43 6.11 10.55 9.44
C ASP F 43 5.83 12.07 9.34
N ALA F 44 6.81 12.88 9.71
CA ALA F 44 6.73 14.32 9.53
C ALA F 44 6.77 14.71 8.06
N LEU F 45 7.70 14.09 7.30
CA LEU F 45 7.87 14.38 5.86
C LEU F 45 6.66 13.96 5.03
N GLU F 46 6.03 12.84 5.38
CA GLU F 46 4.85 12.34 4.65
C GLU F 46 3.53 13.05 4.97
N SER F 47 3.48 13.76 6.09
CA SER F 47 2.28 14.40 6.63
C SER F 47 1.67 15.53 5.77
N PRO F 48 0.43 15.96 6.11
CA PRO F 48 -0.20 17.09 5.47
C PRO F 48 0.09 18.44 6.16
N GLU F 49 0.91 18.46 7.19
CA GLU F 49 1.33 19.72 7.81
C GLU F 49 2.70 20.16 7.26
N HIS F 50 2.91 21.47 7.18
CA HIS F 50 4.19 22.00 6.74
C HIS F 50 5.26 21.66 7.77
N CYS F 51 4.90 21.73 9.05
CA CYS F 51 5.82 21.53 10.17
C CYS F 51 6.77 22.71 10.26
N SER F 52 7.64 22.88 9.28
CA SER F 52 8.47 24.07 9.19
C SER F 52 9.01 24.27 7.78
N PRO F 53 9.55 25.47 7.50
CA PRO F 53 10.24 25.74 6.26
C PRO F 53 11.28 24.69 5.86
N HIS F 54 12.06 24.21 6.84
CA HIS F 54 13.08 23.17 6.61
C HIS F 54 12.44 21.89 6.05
N HIS F 55 11.30 21.49 6.65
CA HIS F 55 10.58 20.31 6.16
C HIS F 55 10.13 20.45 4.71
N THR F 56 9.61 21.63 4.38
CA THR F 56 9.14 21.91 3.00
C THR F 56 10.25 21.80 1.98
N ALA F 57 11.38 22.41 2.29
CA ALA F 57 12.53 22.41 1.40
C ALA F 57 13.10 21.00 1.29
N LEU F 58 13.24 20.32 2.43
CA LEU F 58 13.78 18.97 2.46
C LEU F 58 12.90 18.01 1.65
N ARG F 59 11.58 18.14 1.81
CA ARG F 59 10.62 17.40 1.00
C ARG F 59 10.90 17.60 -0.50
N GLN F 60 11.08 18.85 -0.90
CA GLN F 60 11.36 19.14 -2.31
C GLN F 60 12.74 18.55 -2.78
N ALA F 61 13.76 18.65 -1.94
CA ALA F 61 15.10 18.22 -2.32
C ALA F 61 15.19 16.70 -2.42
N ILE F 62 14.43 16.00 -1.57
CA ILE F 62 14.35 14.53 -1.64
C ILE F 62 13.76 14.07 -2.96
N LEU F 63 12.62 14.70 -3.33
CA LEU F 63 11.95 14.42 -4.60
C LEU F 63 12.79 14.82 -5.80
N CYS F 64 13.48 15.96 -5.72
CA CYS F 64 14.28 16.46 -6.83
C CYS F 64 15.43 15.52 -7.15
N TRP F 65 16.12 15.08 -6.07
CA TRP F 65 17.14 14.05 -6.21
C TRP F 65 16.55 12.77 -6.81
N GLY F 66 15.36 12.39 -6.35
CA GLY F 66 14.58 11.35 -7.01
C GLY F 66 14.57 11.50 -8.51
N ASP F 67 14.08 12.65 -8.98
CA ASP F 67 13.92 12.98 -10.42
C ASP F 67 15.23 12.88 -11.21
N LEU F 68 16.30 13.42 -10.63
CA LEU F 68 17.63 13.31 -11.23
C LEU F 68 18.11 11.87 -11.36
N MET F 69 17.78 11.03 -10.38
CA MET F 69 18.17 9.62 -10.43
C MET F 69 17.36 8.80 -11.43
N THR F 70 16.07 9.09 -11.58
CA THR F 70 15.28 8.48 -12.66
C THR F 70 16.02 8.70 -13.97
N LEU F 71 16.56 9.90 -14.15
CA LEU F 71 17.25 10.30 -15.38
C LEU F 71 18.61 9.62 -15.58
N ALA F 72 19.47 9.64 -14.56
CA ALA F 72 20.81 9.05 -14.69
C ALA F 72 20.85 7.50 -14.77
N THR F 73 19.72 6.83 -14.47
CA THR F 73 19.55 5.42 -14.83
C THR F 73 19.27 5.31 -16.32
N TRP F 74 18.37 6.17 -16.81
CA TRP F 74 17.95 6.20 -18.22
C TRP F 74 19.05 6.53 -19.25
N VAL F 75 20.22 7.02 -18.80
CA VAL F 75 21.43 7.02 -19.66
C VAL F 75 21.99 5.59 -19.93
N GLY F 76 21.59 4.61 -19.12
CA GLY F 76 21.90 3.19 -19.35
C GLY F 76 21.42 2.57 -20.66
N THR F 77 20.32 3.08 -21.24
CA THR F 77 19.78 2.56 -22.53
C THR F 77 20.63 2.95 -23.76
N ASN F 78 21.28 4.12 -23.72
CA ASN F 78 22.11 4.60 -24.83
C ASN F 78 23.59 4.67 -24.42
N LEU F 79 24.42 3.82 -25.04
CA LEU F 79 25.90 3.80 -24.88
C LEU F 79 26.36 3.52 -23.42
N GLU F 80 25.72 2.53 -22.79
CA GLU F 80 26.06 2.15 -21.41
C GLU F 80 27.39 1.39 -21.32
N ASP F 81 27.68 0.59 -22.35
CA ASP F 81 28.91 -0.21 -22.43
C ASP F 81 30.23 0.62 -22.46
N PRO F 82 30.32 1.66 -23.32
CA PRO F 82 31.48 2.56 -23.38
C PRO F 82 32.07 3.08 -22.04
N ALA F 83 33.35 3.46 -22.06
CA ALA F 83 34.07 3.94 -20.88
C ALA F 83 33.68 5.37 -20.44
N SER F 84 32.81 6.04 -21.20
CA SER F 84 32.18 7.31 -20.75
C SER F 84 30.90 7.10 -19.88
N ARG F 85 30.64 5.86 -19.44
CA ARG F 85 29.60 5.57 -18.44
C ARG F 85 30.18 5.64 -17.01
N ASP F 86 31.49 5.38 -16.90
CA ASP F 86 32.33 5.84 -15.78
C ASP F 86 32.79 7.26 -16.16
N LEU F 87 31.84 8.20 -16.13
CA LEU F 87 32.02 9.62 -16.51
C LEU F 87 30.69 10.41 -16.35
N VAL F 88 29.61 9.92 -16.97
CA VAL F 88 28.23 10.50 -16.80
C VAL F 88 27.69 10.30 -15.39
N VAL F 89 27.96 9.13 -14.81
CA VAL F 89 27.57 8.83 -13.43
C VAL F 89 28.57 9.46 -12.45
N SER F 90 29.83 9.59 -12.86
CA SER F 90 30.86 10.29 -12.08
C SER F 90 30.61 11.80 -11.96
N TYR F 91 30.28 12.42 -13.09
CA TYR F 91 29.86 13.84 -13.15
C TYR F 91 28.76 14.11 -12.13
N VAL F 92 27.73 13.25 -12.18
CA VAL F 92 26.61 13.30 -11.24
C VAL F 92 27.13 13.22 -9.80
N ASN F 93 27.99 12.26 -9.50
CA ASN F 93 28.53 12.11 -8.14
C ASN F 93 29.40 13.30 -7.70
N THR F 94 30.27 13.77 -8.58
CA THR F 94 31.16 14.89 -8.24
C THR F 94 30.36 16.19 -8.14
N ASN F 95 29.61 16.50 -9.20
CA ASN F 95 28.97 17.83 -9.35
C ASN F 95 27.64 17.93 -8.60
N VAL F 96 26.60 17.29 -9.13
CA VAL F 96 25.24 17.46 -8.56
C VAL F 96 25.04 16.63 -7.27
N GLY F 97 25.66 15.45 -7.20
CA GLY F 97 25.67 14.67 -5.97
C GLY F 97 26.10 15.54 -4.81
N LEU F 98 27.27 16.15 -4.93
CA LEU F 98 27.76 17.05 -3.92
C LEU F 98 26.77 18.18 -3.57
N LYS F 99 26.12 18.76 -4.58
CA LYS F 99 25.15 19.87 -4.38
C LYS F 99 24.02 19.45 -3.45
N PHE F 100 23.51 18.24 -3.68
CA PHE F 100 22.38 17.70 -2.95
C PHE F 100 22.79 17.18 -1.57
N ARG F 101 23.95 16.53 -1.53
CA ARG F 101 24.52 16.08 -0.25
C ARG F 101 24.62 17.23 0.73
N GLN F 102 25.12 18.37 0.26
CA GLN F 102 25.14 19.61 1.03
C GLN F 102 23.75 20.02 1.49
N LEU F 103 22.85 20.10 0.52
CA LEU F 103 21.50 20.61 0.73
C LEU F 103 20.71 19.72 1.73
N LEU F 104 20.72 18.42 1.46
CA LEU F 104 20.08 17.43 2.35
C LEU F 104 20.71 17.44 3.72
N TRP F 105 22.06 17.51 3.75
CA TRP F 105 22.79 17.57 5.00
C TRP F 105 22.37 18.81 5.76
N PHE F 106 22.43 19.95 5.08
CA PHE F 106 22.07 21.24 5.71
C PHE F 106 20.73 21.13 6.44
N HIS F 107 19.75 20.56 5.73
CA HIS F 107 18.36 20.57 6.17
C HIS F 107 18.07 19.55 7.27
N ILE F 108 18.64 18.35 7.15
CA ILE F 108 18.49 17.32 8.20
C ILE F 108 19.26 17.76 9.46
N SER F 109 20.53 18.13 9.28
CA SER F 109 21.35 18.64 10.37
C SER F 109 20.68 19.80 11.06
N CYS F 110 20.14 20.73 10.27
CA CYS F 110 19.42 21.85 10.86
C CYS F 110 18.27 21.36 11.72
N LEU F 111 17.51 20.41 11.17
CA LEU F 111 16.33 19.88 11.87
C LEU F 111 16.69 19.14 13.15
N THR F 112 17.74 18.35 13.15
CA THR F 112 18.05 17.56 14.33
C THR F 112 18.86 18.38 15.37
N PHE F 113 19.58 19.43 14.95
CA PHE F 113 20.56 20.09 15.84
C PHE F 113 20.29 21.56 16.17
N GLY F 114 19.30 22.15 15.53
CA GLY F 114 19.05 23.59 15.67
C GLY F 114 19.88 24.31 14.62
N ARG F 115 19.33 25.39 14.08
CA ARG F 115 19.91 26.06 12.90
C ARG F 115 21.22 26.77 13.27
N GLU F 116 21.18 27.57 14.34
CA GLU F 116 22.34 28.36 14.75
C GLU F 116 23.49 27.43 15.02
N THR F 117 23.25 26.44 15.88
CA THR F 117 24.22 25.36 16.16
C THR F 117 24.89 24.85 14.90
N VAL F 118 24.11 24.61 13.84
CA VAL F 118 24.71 24.12 12.59
C VAL F 118 25.61 25.17 11.97
N LEU F 119 25.15 26.41 11.90
CA LEU F 119 25.94 27.46 11.24
C LEU F 119 27.21 27.77 12.01
N GLU F 120 27.12 27.72 13.34
CA GLU F 120 28.31 27.79 14.18
C GLU F 120 29.23 26.59 13.98
N TYR F 121 28.70 25.37 14.04
CA TYR F 121 29.55 24.18 13.82
C TYR F 121 30.23 24.27 12.42
N LEU F 122 29.42 24.60 11.41
CA LEU F 122 29.86 24.73 10.00
C LEU F 122 31.17 25.51 9.88
N VAL F 123 31.15 26.72 10.41
CA VAL F 123 32.28 27.62 10.30
C VAL F 123 33.47 27.12 11.16
N SER F 124 33.16 26.68 12.39
CA SER F 124 34.20 26.12 13.29
C SER F 124 34.98 24.98 12.66
N PHE F 125 34.27 24.04 12.04
CA PHE F 125 34.91 22.91 11.34
C PHE F 125 35.76 23.34 10.14
N GLY F 126 35.33 24.30 9.34
CA GLY F 126 36.10 24.73 8.16
C GLY F 126 37.44 25.35 8.49
N VAL F 127 37.48 26.09 9.59
CA VAL F 127 38.74 26.66 10.14
C VAL F 127 39.64 25.50 10.54
N TRP F 128 39.09 24.64 11.41
CA TRP F 128 39.75 23.47 11.98
C TRP F 128 40.39 22.60 10.88
N ILE F 129 39.57 22.02 10.02
CA ILE F 129 40.05 21.12 8.98
C ILE F 129 41.18 21.75 8.12
N ARG F 130 41.17 23.08 8.01
CA ARG F 130 42.17 23.84 7.25
C ARG F 130 43.48 24.17 7.99
N THR F 131 43.42 24.22 9.33
CA THR F 131 44.62 24.23 10.20
C THR F 131 45.40 22.94 9.94
N PRO F 132 46.68 23.01 9.56
CA PRO F 132 47.35 21.76 9.14
C PRO F 132 47.64 20.73 10.27
N PRO F 133 47.98 19.47 9.89
CA PRO F 133 48.15 18.37 10.86
C PRO F 133 49.15 18.73 11.94
N ALA F 134 50.33 19.21 11.50
CA ALA F 134 51.34 19.84 12.34
C ALA F 134 50.79 20.51 13.62
N ALA F 135 49.82 21.39 13.47
CA ALA F 135 49.29 22.18 14.59
C ALA F 135 47.87 21.87 14.99
N ARG F 136 47.14 21.09 14.19
CA ARG F 136 45.69 20.88 14.42
C ARG F 136 45.49 19.93 15.57
N PRO F 137 44.64 20.30 16.55
CA PRO F 137 44.24 19.35 17.62
C PRO F 137 43.76 17.95 17.13
N PRO F 138 43.69 16.97 18.06
CA PRO F 138 43.41 15.61 17.60
C PRO F 138 41.91 15.38 17.29
N ASN F 139 41.07 15.55 18.31
CA ASN F 139 39.62 15.59 18.17
C ASN F 139 39.22 16.90 17.47
N ALA F 140 38.08 16.88 16.76
CA ALA F 140 37.50 18.06 16.09
C ALA F 140 36.39 18.69 16.95
N PRO F 141 35.75 19.80 16.52
CA PRO F 141 34.57 20.26 17.27
C PRO F 141 33.35 19.38 16.93
N ILE F 142 32.36 19.36 17.80
CA ILE F 142 31.29 18.36 17.71
C ILE F 142 29.93 19.00 17.56
N LEU F 143 29.11 18.37 16.72
CA LEU F 143 27.73 18.78 16.47
C LEU F 143 26.83 17.84 17.26
N SER F 144 26.01 18.39 18.15
CA SER F 144 25.10 17.56 18.96
C SER F 144 23.94 18.38 19.54
N THR F 145 23.02 17.68 20.20
CA THR F 145 21.64 18.12 20.32
C THR F 145 21.39 19.22 21.37
C11 YWE G . 28.94 -1.79 25.40
C11 YWE G . 28.96 -1.96 25.41
C12 YWE G . 28.18 -3.01 25.99
C12 YWE G . 28.06 -3.11 25.95
C13 YWE G . 27.56 -3.77 24.79
C13 YWE G . 27.70 -3.90 24.66
C14 YWE G . 27.43 -2.67 23.72
C14 YWE G . 27.48 -2.76 23.67
C15 YWE G . 26.68 -2.68 22.56
C15 YWE G . 26.71 -2.70 22.51
C16 YWE G . 26.72 -1.55 21.74
C16 YWE G . 26.68 -1.49 21.82
C01 YWE G . 32.47 4.62 29.34
C01 YWE G . 29.33 4.85 31.60
N02 YWE G . 31.42 3.67 29.68
N02 YWE G . 29.83 3.86 30.64
C03 YWE G . 30.29 3.82 30.39
C03 YWE G . 30.93 3.88 29.85
N04 YWE G . 29.63 2.68 30.44
N04 YWE G . 31.00 2.78 29.14
C05 YWE G . 30.39 1.81 29.70
C05 YWE G . 29.89 2.07 29.53
C06 YWE G . 29.98 0.38 29.52
C06 YWE G . 29.59 0.72 28.94
O07 YWE G . 29.17 0.19 28.34
O07 YWE G . 30.11 0.71 27.59
C08 YWE G . 29.76 -0.41 27.26
C08 YWE G . 30.25 -0.45 26.90
O09 YWE G . 30.95 -0.68 27.21
O09 YWE G . 31.32 -0.99 26.80
N10 YWE G . 28.85 -0.63 26.28
N10 YWE G . 29.06 -0.84 26.37
C17 YWE G . 27.48 -0.46 22.09
C17 YWE G . 27.38 -0.39 22.26
C18 YWE G . 28.22 -0.49 23.26
C18 YWE G . 28.14 -0.47 23.40
F19 YWE G . 28.95 0.61 23.57
F19 YWE G . 28.79 0.65 23.78
C20 YWE G . 28.20 -1.58 24.07
C20 YWE G . 28.19 -1.64 24.12
C21 YWE G . 25.87 -3.89 22.26
C21 YWE G . 25.92 -3.88 22.03
O22 YWE G . 24.71 -3.83 21.91
O22 YWE G . 25.34 -3.92 20.97
N23 YWE G . 26.52 -5.07 22.47
N23 YWE G . 25.88 -4.89 22.93
C24 YWE G . 26.00 -6.36 22.39
C24 YWE G . 25.24 -6.15 22.90
C25 YWE G . 26.84 -7.46 22.23
C25 YWE G . 23.90 -6.19 23.24
C26 YWE G . 26.32 -8.73 22.20
C26 YWE G . 23.21 -7.38 23.28
C27 YWE G . 24.97 -8.93 22.34
C27 YWE G . 23.86 -8.55 22.99
F28 YWE G . 24.49 -10.19 22.30
F28 YWE G . 23.20 -9.74 23.02
C29 YWE G . 24.15 -7.84 22.50
C29 YWE G . 25.18 -8.51 22.67
CL30 YWE G . 22.37 -8.06 22.68
CL30 YWE G . 25.97 -10.08 22.30
C31 YWE G . 24.63 -6.57 22.54
C31 YWE G . 25.90 -7.34 22.62
N32 YWE G . 31.48 2.34 29.23
N32 YWE G . 29.15 2.67 30.43
C11 YWE H . 28.11 13.58 15.69
C12 YWE H . 26.59 13.67 15.43
C13 YWE H . 26.57 13.47 13.91
C14 YWE H . 27.72 14.39 13.48
C15 YWE H . 27.97 15.10 12.31
C16 YWE H . 29.12 15.90 12.27
C01 YWE H . 31.17 14.78 23.66
N02 YWE H . 29.88 14.73 22.99
C03 YWE H . 28.69 15.34 23.25
N04 YWE H . 27.80 14.97 22.33
C05 YWE H . 28.49 14.10 21.51
C06 YWE H . 27.90 13.43 20.31
O07 YWE H . 28.75 13.81 19.20
C08 YWE H . 28.81 13.15 18.01
O09 YWE H . 29.13 11.98 17.90
N10 YWE H . 28.54 14.02 17.02
C17 YWE H . 30.00 15.96 13.34
C18 YWE H . 29.72 15.24 14.48
F19 YWE H . 30.56 15.32 15.52
C20 YWE H . 28.59 14.47 14.56
C21 YWE H . 27.04 15.05 11.13
O22 YWE H . 26.82 16.01 10.41
N23 YWE H . 26.46 13.82 10.90
C24 YWE H . 25.51 13.41 9.99
C25 YWE H . 25.61 12.12 9.46
C26 YWE H . 24.67 11.61 8.59
C27 YWE H . 23.59 12.38 8.29
F28 YWE H . 22.69 11.83 7.44
C29 YWE H . 23.49 13.64 8.85
CL30 YWE H . 22.12 14.73 8.50
C31 YWE H . 24.39 14.16 9.71
N32 YWE H . 29.74 13.94 21.86
C1 EDO I . -2.90 -14.91 31.99
O1 EDO I . -1.78 -15.48 32.69
C2 EDO I . -2.40 -13.88 30.99
O2 EDO I . -1.15 -13.32 31.45
C11 YWE J . -15.82 -26.63 16.77
C12 YWE J . -15.19 -25.22 16.76
C13 YWE J . -13.84 -25.49 16.08
C14 YWE J . -13.43 -26.82 16.71
C15 YWE J . -12.17 -27.45 16.92
C16 YWE J . -12.17 -28.68 17.60
C01 YWE J . -22.79 -28.42 22.13
N02 YWE J . -22.07 -27.44 21.31
C03 YWE J . -21.68 -26.18 21.57
N04 YWE J . -21.04 -25.68 20.53
C05 YWE J . -21.07 -26.70 19.59
C06 YWE J . -20.46 -26.58 18.25
O07 YWE J . -19.04 -26.28 18.32
C08 YWE J . -18.22 -26.78 17.33
O09 YWE J . -18.62 -27.19 16.25
N10 YWE J . -16.93 -26.77 17.73
C17 YWE J . -13.34 -29.30 18.00
C18 YWE J . -14.54 -28.69 17.76
F19 YWE J . -15.65 -29.32 18.18
C20 YWE J . -14.60 -27.47 17.14
C21 YWE J . -10.87 -26.78 16.57
O22 YWE J . -9.88 -26.94 17.26
N23 YWE J . -10.86 -25.93 15.49
C24 YWE J . -9.89 -25.03 15.02
C25 YWE J . -9.26 -24.28 16.02
C26 YWE J . -8.35 -23.29 15.77
C27 YWE J . -8.12 -22.99 14.48
F28 YWE J . -7.25 -22.02 14.18
C29 YWE J . -8.80 -23.67 13.51
CL30 YWE J . -8.44 -23.17 11.87
C31 YWE J . -9.69 -24.67 13.72
N32 YWE J . -21.68 -27.78 20.00
C11 YWE K . -30.62 -22.98 6.50
C12 YWE K . -31.33 -21.77 5.86
C13 YWE K . -30.52 -21.57 4.56
C14 YWE K . -29.07 -21.81 5.03
C15 YWE K . -27.80 -21.38 4.54
C16 YWE K . -26.68 -21.77 5.27
C01 YWE K . -33.15 -22.32 14.61
N02 YWE K . -33.19 -23.44 13.68
C03 YWE K . -33.33 -24.76 13.89
N04 YWE K . -33.30 -25.41 12.74
C05 YWE K . -33.13 -24.42 11.80
C06 YWE K . -33.04 -24.78 10.36
O07 YWE K . -32.38 -23.77 9.56
C08 YWE K . -31.74 -24.11 8.41
O09 YWE K . -31.89 -25.21 7.90
N10 YWE K . -30.95 -23.11 7.94
C17 YWE K . -26.78 -22.56 6.40
C18 YWE K . -28.03 -22.98 6.83
F19 YWE K . -28.11 -23.76 7.93
C20 YWE K . -29.17 -22.61 6.18
C21 YWE K . -27.62 -20.46 3.35
O22 YWE K . -26.64 -19.73 3.25
N23 YWE K . -28.60 -20.45 2.38
C24 YWE K . -28.81 -19.62 1.28
C25 YWE K . -28.79 -18.25 1.61
C26 YWE K . -29.03 -17.25 0.71
C27 YWE K . -29.35 -17.62 -0.54
F28 YWE K . -29.59 -16.65 -1.45
C29 YWE K . -29.42 -18.95 -0.89
CL30 YWE K . -29.85 -19.32 -2.57
C31 YWE K . -29.18 -19.98 -0.01
N32 YWE K . -33.06 -23.21 12.31
C1 EDO L . -42.97 -11.60 -3.16
O1 EDO L . -42.21 -11.78 -4.36
C2 EDO L . -42.24 -10.67 -2.19
O2 EDO L . -41.48 -9.69 -2.92
C1 EDO M . -34.65 9.12 0.07
O1 EDO M . -35.04 9.52 -1.25
C2 EDO M . -33.12 9.24 0.24
O2 EDO M . -32.57 10.28 -0.57
C1 EDO N . -26.65 1.33 8.88
O1 EDO N . -25.53 0.63 9.42
C2 EDO N . -27.75 0.34 8.51
O2 EDO N . -28.41 0.80 7.32
C11 YWE O . -20.85 22.21 -17.23
C12 YWE O . -20.46 21.42 -15.97
C13 YWE O . -20.25 20.00 -16.53
C14 YWE O . -21.40 19.86 -17.53
C15 YWE O . -22.09 18.73 -18.08
C16 YWE O . -23.15 19.02 -18.94
C01 YWE O . -24.23 30.39 -16.51
N02 YWE O . -23.42 29.39 -15.85
C03 YWE O . -23.43 28.93 -14.58
N04 YWE O . -22.52 28.00 -14.43
C05 YWE O . -21.93 27.90 -15.67
C06 YWE O . -20.83 26.94 -15.95
O07 YWE O . -21.46 25.69 -16.30
C08 YWE O . -20.82 24.73 -17.04
O09 YWE O . -19.83 24.95 -17.74
N10 YWE O . -21.46 23.52 -16.87
C17 YWE O . -23.50 20.29 -19.32
C18 YWE O . -22.79 21.35 -18.79
F19 YWE O . -23.19 22.58 -19.18
C20 YWE O . -21.76 21.16 -17.90
C21 YWE O . -21.84 17.28 -17.72
O22 YWE O . -22.63 16.35 -17.92
N23 YWE O . -20.67 16.98 -17.11
C24 YWE O . -20.16 15.85 -16.51
C25 YWE O . -20.93 15.37 -15.44
C26 YWE O . -20.54 14.29 -14.69
C27 YWE O . -19.33 13.73 -14.99
F28 YWE O . -18.90 12.68 -14.28
C29 YWE O . -18.57 14.24 -16.00
CL30 YWE O . -17.02 13.50 -16.36
C31 YWE O . -18.93 15.30 -16.78
N32 YWE O . -22.43 28.71 -16.57
C11 YWE P . -6.97 33.90 -16.63
C12 YWE P . -5.83 34.30 -15.69
C13 YWE P . -4.75 33.23 -16.05
C14 YWE P . -5.61 31.97 -16.18
C15 YWE P . -5.31 30.60 -16.06
C16 YWE P . -6.38 29.71 -16.21
C01 YWE P . -14.91 37.49 -16.47
N02 YWE P . -13.60 37.70 -15.84
C03 YWE P . -13.24 38.31 -14.69
N04 YWE P . -11.93 38.25 -14.53
C05 YWE P . -11.50 37.56 -15.64
C06 YWE P . -10.08 37.25 -15.87
O07 YWE P . -9.98 35.95 -16.48
C08 YWE P . -8.80 35.52 -17.01
O09 YWE P . -8.34 36.03 -18.00
N10 YWE P . -8.28 34.49 -16.29
C17 YWE P . -7.65 30.14 -16.52
C18 YWE P . -7.91 31.49 -16.66
F19 YWE P . -9.16 31.90 -16.97
C20 YWE P . -6.90 32.39 -16.49
C21 YWE P . -3.96 30.09 -15.64
O22 YWE P . -3.84 29.08 -14.97
N23 YWE P . -2.86 30.86 -15.98
C24 YWE P . -1.51 30.77 -15.60
C25 YWE P . -1.29 30.55 -14.23
C26 YWE P . -0.04 30.51 -13.67
C27 YWE P . 1.00 30.75 -14.51
F28 YWE P . 2.25 30.73 -14.05
C29 YWE P . 0.78 31.02 -15.83
CL30 YWE P . 2.24 31.28 -16.82
C31 YWE P . -0.45 31.06 -16.42
N32 YWE P . -12.47 37.21 -16.46
C1 EDO Q . 11.45 23.53 -26.58
O1 EDO Q . 10.06 23.90 -26.45
C2 EDO Q . 12.31 24.02 -25.39
O2 EDO Q . 13.21 25.08 -25.77
C1 EDO R . 17.14 21.75 -5.89
O1 EDO R . 18.23 22.70 -5.87
C2 EDO R . 16.33 21.64 -4.58
O2 EDO R . 16.40 22.86 -3.82
C1 EDO S . -0.78 26.14 7.12
O1 EDO S . -0.47 25.11 8.06
C2 EDO S . 0.18 27.34 7.17
O2 EDO S . 0.11 28.19 5.99
C1 EDO T . 9.71 18.22 -6.45
O1 EDO T . 9.96 17.19 -7.42
C2 EDO T . 10.84 19.25 -6.56
O2 EDO T . 10.52 20.51 -5.93
#